data_4DCY
#
_entry.id   4DCY
#
_cell.length_a   86.880
_cell.length_b   95.190
_cell.length_c   125.150
_cell.angle_alpha   90.00
_cell.angle_beta   90.00
_cell.angle_gamma   90.00
#
_symmetry.space_group_name_H-M   'P 21 21 21'
#
loop_
_entity.id
_entity.type
_entity.pdbx_description
1 polymer 'Nickel-binding periplasmic protein'
2 non-polymer 'ACETATE ION'
3 non-polymer GLYCEROL
4 non-polymer {(R)-N-[(1S,2S)-2-{methyl[(pyridin-2-yl-kappaN)methyl]amino-kappaN}cyclohexyl]-N-[(pyridin-2-yl-kappaN)methyl]glycinato-kappa~2~N,O}iron(2+)
5 non-polymer 'UNKNOWN ATOM OR ION'
6 non-polymer 'SULFATE ION'
7 water water
#
_entity_poly.entity_id   1
_entity_poly.type   'polypeptide(L)'
_entity_poly.pdbx_seq_one_letter_code
;AAPDEITTAWPVNVGPLNPHLYTPNQMFAQSMVYEPLVKYQADGSVIPWLAKSWTHSEDGKTWTFTLRDDVKFSNGEPFD
AEAAAENFRAVLDNRQRHAWLELANQIVDVKALSKTELQITLKSAYYPFLQELALPRPFRFIAPSQFKNHETMNGIKAPI
GTGPWILQESKLNQYDVFVRNENYWGEKPAIKKITFNVIPDPTTRAVAFETGDIDLLYGNEGLLPLDTFARFSQNPAYHT
QLSQPIETVMLALNTAKAPTNELAVREALNYAVNKKSLIDNALYGTQQVADTLFAPSVPYANLGLKPSQYDPQKAKALLE
KAGWTLPAGKDIREKNGQPLRIELSFIGTDALSKSMAEIIQADMRQIGADVSLIGEEESSIYARQRDGRFGMIFHRTWGA
PYDPHAFLSSMRVPSHADFQAQQGLADKPLIDKEIGEVLATHDETQRQALYRDILTRLHDEAVYLPISYISMMVVSKPEL
GNIPYAPIATEIPFEQIKPVKP
;
_entity_poly.pdbx_strand_id   A,B
#
# COMPACT_ATOMS: atom_id res chain seq x y z
N PRO A 3 -6.22 -1.98 -30.33
CA PRO A 3 -5.11 -2.64 -29.62
C PRO A 3 -4.38 -1.66 -28.71
N ASP A 4 -4.18 -0.45 -29.21
CA ASP A 4 -3.69 0.65 -28.40
C ASP A 4 -4.85 1.64 -28.19
N GLU A 5 -6.07 1.13 -28.35
CA GLU A 5 -7.28 1.84 -28.00
C GLU A 5 -8.03 0.99 -26.99
N ILE A 6 -8.57 1.60 -25.94
CA ILE A 6 -9.36 0.82 -24.99
C ILE A 6 -10.72 1.44 -24.72
N THR A 7 -11.67 0.61 -24.31
CA THR A 7 -12.99 1.10 -23.98
C THR A 7 -13.29 0.79 -22.52
N THR A 8 -13.86 1.76 -21.83
CA THR A 8 -14.12 1.60 -20.42
C THR A 8 -15.45 2.26 -20.13
N ALA A 9 -15.77 2.50 -18.87
CA ALA A 9 -17.05 3.08 -18.55
C ALA A 9 -17.00 3.99 -17.33
N TRP A 10 -18.00 4.85 -17.21
CA TRP A 10 -18.16 5.75 -16.08
C TRP A 10 -19.67 5.98 -15.93
N PRO A 11 -20.15 6.20 -14.70
CA PRO A 11 -21.60 6.34 -14.52
C PRO A 11 -22.20 7.57 -15.23
N VAL A 12 -21.40 8.61 -15.42
CA VAL A 12 -21.84 9.82 -16.12
C VAL A 12 -20.79 10.33 -17.10
N ASN A 13 -21.17 11.28 -17.96
CA ASN A 13 -20.18 11.98 -18.80
C ASN A 13 -19.17 12.73 -17.94
N VAL A 14 -18.02 13.04 -18.50
CA VAL A 14 -16.94 13.63 -17.71
C VAL A 14 -17.19 15.08 -17.35
N GLY A 15 -18.14 15.71 -18.04
CA GLY A 15 -18.48 17.10 -17.80
C GLY A 15 -17.67 18.05 -18.66
N PRO A 16 -17.75 19.36 -18.38
CA PRO A 16 -17.08 20.39 -19.19
C PRO A 16 -15.54 20.35 -19.12
N LEU A 17 -15.00 19.70 -18.09
CA LEU A 17 -13.56 19.73 -17.80
C LEU A 17 -13.05 21.16 -17.56
N ASN A 18 -13.80 21.90 -16.76
CA ASN A 18 -13.30 23.13 -16.19
C ASN A 18 -12.37 22.72 -15.04
N PRO A 19 -11.09 23.09 -15.12
CA PRO A 19 -10.15 22.61 -14.11
C PRO A 19 -10.40 23.16 -12.71
N HIS A 20 -11.21 24.22 -12.64
CA HIS A 20 -11.30 25.00 -11.41
C HIS A 20 -12.67 24.87 -10.74
N LEU A 21 -13.57 24.08 -11.31
CA LEU A 21 -14.90 23.90 -10.74
C LEU A 21 -15.13 22.47 -10.32
N TYR A 22 -16.27 22.22 -9.69
CA TYR A 22 -16.58 20.91 -9.14
C TYR A 22 -17.65 20.22 -9.98
N THR A 23 -18.77 19.82 -9.39
CA THR A 23 -19.84 19.18 -10.15
CA THR A 23 -19.84 19.17 -10.16
C THR A 23 -20.21 20.05 -11.34
N PRO A 24 -20.46 19.42 -12.51
CA PRO A 24 -20.48 17.99 -12.80
C PRO A 24 -19.16 17.49 -13.38
N ASN A 25 -18.07 18.23 -13.18
CA ASN A 25 -16.75 17.76 -13.62
C ASN A 25 -16.34 16.51 -12.88
N GLN A 26 -15.89 15.50 -13.60
CA GLN A 26 -15.40 14.29 -12.91
C GLN A 26 -13.91 14.42 -12.63
N MET A 27 -13.51 14.24 -11.37
CA MET A 27 -12.13 14.50 -10.97
C MET A 27 -11.11 13.71 -11.79
N PHE A 28 -11.39 12.45 -12.08
CA PHE A 28 -10.37 11.62 -12.75
C PHE A 28 -10.07 12.21 -14.13
N ALA A 29 -11.10 12.79 -14.75
CA ALA A 29 -10.96 13.33 -16.09
C ALA A 29 -10.26 14.69 -16.06
N GLN A 30 -10.56 15.52 -15.05
CA GLN A 30 -9.79 16.74 -14.87
C GLN A 30 -8.32 16.41 -14.75
N SER A 31 -8.03 15.34 -14.01
CA SER A 31 -6.66 14.88 -13.82
C SER A 31 -6.00 14.33 -15.08
N MET A 32 -6.79 13.86 -16.04
CA MET A 32 -6.21 13.33 -17.28
C MET A 32 -5.68 14.46 -18.16
N VAL A 33 -6.36 15.61 -18.09
CA VAL A 33 -6.12 16.72 -19.00
C VAL A 33 -5.28 17.83 -18.38
N TYR A 34 -5.47 18.09 -17.10
CA TYR A 34 -4.76 19.17 -16.42
C TYR A 34 -3.71 18.69 -15.42
N GLU A 35 -2.70 19.52 -15.21
CA GLU A 35 -1.55 19.12 -14.42
C GLU A 35 -1.21 20.13 -13.33
N PRO A 36 -0.60 19.64 -12.24
CA PRO A 36 -0.17 20.41 -11.07
C PRO A 36 1.27 20.90 -11.18
N LEU A 37 1.63 21.90 -10.37
CA LEU A 37 3.03 22.33 -10.28
C LEU A 37 3.91 21.21 -9.75
N VAL A 38 3.39 20.43 -8.81
CA VAL A 38 4.16 19.34 -8.23
C VAL A 38 3.27 18.11 -8.10
N LYS A 39 3.87 16.93 -8.18
CA LYS A 39 3.07 15.73 -8.31
C LYS A 39 3.15 14.79 -7.10
N TYR A 40 1.99 14.37 -6.62
CA TYR A 40 1.92 13.49 -5.47
C TYR A 40 2.43 12.07 -5.78
N GLN A 41 3.15 11.47 -4.84
CA GLN A 41 3.72 10.14 -5.01
C GLN A 41 3.21 9.21 -3.91
N ALA A 42 3.20 7.91 -4.18
CA ALA A 42 2.70 6.91 -3.22
C ALA A 42 3.35 7.02 -1.85
N ASP A 43 4.63 7.36 -1.80
CA ASP A 43 5.35 7.43 -0.53
C ASP A 43 4.97 8.65 0.30
N GLY A 44 4.09 9.49 -0.23
CA GLY A 44 3.59 10.64 0.49
C GLY A 44 4.28 11.96 0.15
N SER A 45 5.37 11.88 -0.61
CA SER A 45 6.07 13.10 -1.03
C SER A 45 5.43 13.68 -2.30
N VAL A 46 5.91 14.84 -2.72
CA VAL A 46 5.61 15.35 -4.04
C VAL A 46 6.92 15.41 -4.81
N ILE A 47 6.83 15.34 -6.13
CA ILE A 47 8.00 15.56 -6.96
C ILE A 47 7.77 16.75 -7.87
N PRO A 48 8.86 17.36 -8.38
CA PRO A 48 8.76 18.35 -9.45
C PRO A 48 7.87 17.85 -10.57
N TRP A 49 7.09 18.75 -11.15
CA TRP A 49 6.26 18.40 -12.29
C TRP A 49 6.32 19.59 -13.24
N LEU A 50 5.27 20.40 -13.34
CA LEU A 50 5.37 21.61 -14.15
C LEU A 50 6.38 22.60 -13.55
N ALA A 51 6.57 22.53 -12.24
CA ALA A 51 7.65 23.26 -11.58
C ALA A 51 8.86 22.33 -11.41
N LYS A 52 10.03 22.77 -11.91
CA LYS A 52 11.27 21.98 -11.80
C LYS A 52 11.85 21.99 -10.40
N SER A 53 11.66 23.10 -9.69
CA SER A 53 12.26 23.28 -8.38
C SER A 53 11.59 24.44 -7.68
N TRP A 54 11.86 24.58 -6.40
CA TRP A 54 11.28 25.65 -5.60
C TRP A 54 12.15 25.95 -4.37
N THR A 55 12.10 27.20 -3.92
CA THR A 55 12.70 27.62 -2.65
C THR A 55 11.60 28.24 -1.80
N HIS A 56 11.83 28.33 -0.49
CA HIS A 56 10.92 29.07 0.37
C HIS A 56 11.70 29.94 1.35
N SER A 57 11.07 31.02 1.78
CA SER A 57 11.66 31.93 2.76
C SER A 57 11.82 31.22 4.09
N GLU A 58 12.60 31.83 4.98
CA GLU A 58 12.86 31.23 6.27
C GLU A 58 11.59 31.12 7.10
N ASP A 59 10.69 32.09 6.97
CA ASP A 59 9.45 32.06 7.73
C ASP A 59 8.38 31.16 7.11
N GLY A 60 8.73 30.49 6.02
CA GLY A 60 7.84 29.51 5.41
C GLY A 60 6.64 30.08 4.67
N LYS A 61 6.60 31.39 4.50
CA LYS A 61 5.41 32.04 3.93
C LYS A 61 5.55 32.45 2.48
N THR A 62 6.78 32.58 2.00
CA THR A 62 6.98 32.94 0.59
C THR A 62 7.66 31.83 -0.17
N TRP A 63 7.05 31.41 -1.27
CA TRP A 63 7.55 30.28 -2.05
C TRP A 63 7.79 30.70 -3.49
N THR A 64 8.94 30.32 -4.04
CA THR A 64 9.25 30.65 -5.42
C THR A 64 9.51 29.39 -6.24
N PHE A 65 8.70 29.18 -7.28
CA PHE A 65 8.82 28.00 -8.11
C PHE A 65 9.53 28.36 -9.40
N THR A 66 10.52 27.56 -9.78
CA THR A 66 11.12 27.68 -11.10
C THR A 66 10.38 26.69 -11.97
N LEU A 67 9.73 27.19 -13.01
CA LEU A 67 8.89 26.36 -13.87
C LEU A 67 9.72 25.80 -15.02
N ARG A 68 9.29 24.67 -15.57
CA ARG A 68 9.90 24.13 -16.78
C ARG A 68 9.70 25.12 -17.91
N ASP A 69 10.60 25.10 -18.90
CA ASP A 69 10.51 26.10 -19.96
C ASP A 69 10.15 25.51 -21.30
N ASP A 70 9.80 24.23 -21.30
CA ASP A 70 9.56 23.50 -22.52
C ASP A 70 8.13 22.94 -22.61
N VAL A 71 7.22 23.48 -21.80
CA VAL A 71 5.87 22.92 -21.74
C VAL A 71 4.90 23.75 -22.57
N LYS A 72 4.14 23.08 -23.42
CA LYS A 72 3.09 23.74 -24.18
C LYS A 72 1.73 23.15 -23.81
N PHE A 73 0.72 24.00 -23.72
CA PHE A 73 -0.66 23.54 -23.68
C PHE A 73 -0.91 22.77 -24.99
N SER A 74 -1.95 21.95 -25.03
CA SER A 74 -2.19 21.06 -26.18
C SER A 74 -2.49 21.84 -27.47
N ASN A 75 -2.85 23.11 -27.32
CA ASN A 75 -3.14 23.97 -28.47
C ASN A 75 -1.93 24.76 -28.97
N GLY A 76 -0.75 24.42 -28.47
CA GLY A 76 0.47 25.08 -28.91
C GLY A 76 0.91 26.29 -28.08
N GLU A 77 0.01 26.85 -27.29
CA GLU A 77 0.36 28.00 -26.48
C GLU A 77 1.30 27.62 -25.34
N PRO A 78 2.21 28.52 -24.96
CA PRO A 78 3.20 28.17 -23.94
C PRO A 78 2.64 28.11 -22.52
N PHE A 79 3.14 27.18 -21.73
CA PHE A 79 2.94 27.24 -20.29
C PHE A 79 4.11 28.04 -19.73
N ASP A 80 3.81 29.10 -18.98
CA ASP A 80 4.86 29.86 -18.33
C ASP A 80 4.30 30.49 -17.06
N ALA A 81 5.12 31.23 -16.34
CA ALA A 81 4.71 31.74 -15.04
C ALA A 81 3.51 32.66 -15.16
N GLU A 82 3.40 33.37 -16.28
CA GLU A 82 2.23 34.24 -16.45
C GLU A 82 0.94 33.43 -16.58
N ALA A 83 0.98 32.37 -17.38
CA ALA A 83 -0.18 31.49 -17.49
C ALA A 83 -0.55 30.90 -16.13
N ALA A 84 0.46 30.50 -15.37
CA ALA A 84 0.22 29.91 -14.06
C ALA A 84 -0.43 30.93 -13.13
N ALA A 85 0.19 32.10 -13.02
CA ALA A 85 -0.35 33.15 -12.18
C ALA A 85 -1.81 33.50 -12.53
N GLU A 86 -2.13 33.54 -13.82
CA GLU A 86 -3.49 33.85 -14.25
CA GLU A 86 -3.49 33.88 -14.22
C GLU A 86 -4.47 32.78 -13.81
N ASN A 87 -4.00 31.54 -13.78
CA ASN A 87 -4.83 30.44 -13.31
C ASN A 87 -5.11 30.57 -11.81
N PHE A 88 -4.09 30.83 -11.01
CA PHE A 88 -4.30 31.07 -9.58
C PHE A 88 -5.28 32.23 -9.36
N ARG A 89 -5.11 33.31 -10.11
CA ARG A 89 -6.09 34.41 -10.00
C ARG A 89 -7.52 33.95 -10.32
N ALA A 90 -7.68 33.17 -11.39
CA ALA A 90 -9.00 32.71 -11.81
C ALA A 90 -9.65 31.85 -10.73
N VAL A 91 -8.86 31.01 -10.08
CA VAL A 91 -9.37 30.17 -8.99
C VAL A 91 -9.77 31.01 -7.79
N LEU A 92 -8.88 31.91 -7.37
CA LEU A 92 -9.10 32.70 -6.18
C LEU A 92 -10.15 33.81 -6.39
N ASP A 93 -10.44 34.14 -7.64
CA ASP A 93 -11.55 35.04 -7.90
C ASP A 93 -12.86 34.36 -7.50
N ASN A 94 -12.78 33.06 -7.22
CA ASN A 94 -13.94 32.26 -6.81
C ASN A 94 -13.66 31.63 -5.44
N ARG A 95 -12.83 32.30 -4.63
CA ARG A 95 -12.28 31.77 -3.38
CA ARG A 95 -12.29 31.65 -3.45
C ARG A 95 -13.35 31.14 -2.46
N GLN A 96 -14.50 31.79 -2.38
CA GLN A 96 -15.55 31.31 -1.48
C GLN A 96 -15.89 29.85 -1.74
N ARG A 97 -15.88 29.43 -3.00
CA ARG A 97 -16.24 28.05 -3.31
C ARG A 97 -15.16 27.03 -2.95
N HIS A 98 -13.96 27.50 -2.63
CA HIS A 98 -12.83 26.63 -2.31
C HIS A 98 -12.51 26.64 -0.83
N ALA A 99 -13.41 27.25 -0.06
CA ALA A 99 -13.21 27.42 1.38
C ALA A 99 -12.92 26.12 2.13
N TRP A 100 -13.41 25.01 1.59
CA TRP A 100 -13.19 23.70 2.22
C TRP A 100 -11.71 23.36 2.24
N LEU A 101 -10.96 23.94 1.31
CA LEU A 101 -9.56 23.60 1.12
C LEU A 101 -8.71 24.73 1.68
N GLU A 102 -8.00 24.46 2.76
CA GLU A 102 -7.39 25.54 3.54
C GLU A 102 -6.35 26.34 2.74
N LEU A 103 -5.65 25.69 1.83
CA LEU A 103 -4.71 26.42 0.96
C LEU A 103 -5.39 27.62 0.30
N ALA A 104 -6.66 27.47 -0.05
CA ALA A 104 -7.37 28.53 -0.77
C ALA A 104 -7.62 29.74 0.12
N ASN A 105 -7.65 29.52 1.43
CA ASN A 105 -7.71 30.64 2.35
C ASN A 105 -6.32 31.17 2.70
N GLN A 106 -5.30 30.34 2.47
CA GLN A 106 -3.92 30.69 2.83
C GLN A 106 -3.19 31.56 1.81
N ILE A 107 -3.53 31.43 0.53
CA ILE A 107 -2.80 32.12 -0.50
C ILE A 107 -3.17 33.60 -0.42
N VAL A 108 -2.18 34.46 -0.22
CA VAL A 108 -2.46 35.90 -0.18
C VAL A 108 -2.04 36.59 -1.48
N ASP A 109 -1.08 36.02 -2.20
CA ASP A 109 -0.63 36.63 -3.44
C ASP A 109 0.05 35.60 -4.34
N VAL A 110 -0.18 35.72 -5.64
CA VAL A 110 0.55 34.92 -6.61
C VAL A 110 1.00 35.82 -7.74
N LYS A 111 2.29 35.86 -8.03
CA LYS A 111 2.72 36.64 -9.19
C LYS A 111 3.88 36.03 -9.96
N ALA A 112 3.88 36.24 -11.27
CA ALA A 112 4.99 35.82 -12.11
C ALA A 112 6.12 36.82 -11.96
N LEU A 113 7.30 36.37 -11.56
CA LEU A 113 8.45 37.27 -11.48
C LEU A 113 9.19 37.37 -12.81
N SER A 114 9.04 36.35 -13.64
CA SER A 114 9.60 36.32 -14.98
C SER A 114 8.86 35.19 -15.67
N LYS A 115 9.32 34.78 -16.86
CA LYS A 115 8.68 33.69 -17.59
C LYS A 115 8.71 32.36 -16.85
N THR A 116 9.73 32.16 -16.03
CA THR A 116 10.00 30.86 -15.44
C THR A 116 9.99 30.90 -13.92
N GLU A 117 9.79 32.08 -13.34
CA GLU A 117 9.75 32.20 -11.88
C GLU A 117 8.35 32.60 -11.38
N LEU A 118 7.79 31.78 -10.50
CA LEU A 118 6.45 32.03 -9.97
C LEU A 118 6.48 32.16 -8.45
N GLN A 119 6.03 33.29 -7.93
CA GLN A 119 6.08 33.52 -6.48
C GLN A 119 4.69 33.36 -5.84
N ILE A 120 4.61 32.54 -4.79
CA ILE A 120 3.35 32.39 -4.06
C ILE A 120 3.57 32.79 -2.62
N THR A 121 2.73 33.71 -2.13
CA THR A 121 2.84 34.17 -0.76
C THR A 121 1.67 33.67 0.06
N LEU A 122 1.98 33.15 1.25
CA LEU A 122 0.97 32.57 2.11
C LEU A 122 0.75 33.40 3.36
N LYS A 123 -0.41 33.25 3.97
CA LYS A 123 -0.73 34.00 5.18
C LYS A 123 -0.05 33.38 6.40
N SER A 124 0.27 32.09 6.33
CA SER A 124 0.96 31.41 7.42
C SER A 124 1.84 30.32 6.83
N ALA A 125 2.69 29.71 7.64
CA ALA A 125 3.55 28.63 7.16
C ALA A 125 2.74 27.33 7.09
N TYR A 126 1.87 27.26 6.10
CA TYR A 126 0.93 26.14 5.94
C TYR A 126 1.65 24.87 5.48
N TYR A 127 1.78 23.88 6.36
CA TYR A 127 2.67 22.74 6.05
C TYR A 127 2.22 21.89 4.84
N PRO A 128 0.90 21.67 4.68
CA PRO A 128 0.43 20.85 3.56
C PRO A 128 0.37 21.59 2.22
N PHE A 129 1.07 22.72 2.13
CA PHE A 129 1.07 23.54 0.90
C PHE A 129 1.28 22.75 -0.40
N LEU A 130 2.36 21.99 -0.47
CA LEU A 130 2.68 21.27 -1.70
C LEU A 130 1.68 20.16 -2.01
N GLN A 131 1.23 19.48 -0.96
CA GLN A 131 0.28 18.37 -1.14
C GLN A 131 -1.04 18.88 -1.70
N GLU A 132 -1.44 20.08 -1.32
CA GLU A 132 -2.72 20.62 -1.82
C GLU A 132 -2.55 21.17 -3.25
N LEU A 133 -1.37 21.69 -3.57
CA LEU A 133 -1.05 22.05 -4.95
C LEU A 133 -1.16 20.83 -5.89
N ALA A 134 -0.96 19.64 -5.33
CA ALA A 134 -0.89 18.41 -6.12
C ALA A 134 -2.26 17.80 -6.42
N LEU A 135 -3.31 18.36 -5.81
CA LEU A 135 -4.64 17.74 -5.92
C LEU A 135 -5.20 17.87 -7.34
N PRO A 136 -6.16 16.99 -7.70
CA PRO A 136 -6.79 17.05 -9.02
C PRO A 136 -7.38 18.44 -9.31
N ARG A 137 -7.96 19.08 -8.29
CA ARG A 137 -8.52 20.41 -8.43
C ARG A 137 -8.47 21.11 -7.06
N PRO A 138 -8.45 22.45 -7.05
CA PRO A 138 -8.60 23.34 -8.20
C PRO A 138 -7.32 23.93 -8.77
N PHE A 139 -6.15 23.61 -8.23
CA PHE A 139 -4.94 24.31 -8.67
C PHE A 139 -4.20 23.70 -9.88
N ARG A 140 -4.93 23.43 -10.95
CA ARG A 140 -4.29 22.97 -12.18
C ARG A 140 -4.57 23.94 -13.31
N PHE A 141 -3.90 23.76 -14.45
CA PHE A 141 -3.73 24.85 -15.39
C PHE A 141 -4.35 24.69 -16.77
N ILE A 142 -5.24 25.62 -17.10
CA ILE A 142 -5.86 25.67 -18.41
C ILE A 142 -5.25 26.85 -19.15
N ALA A 143 -5.13 26.71 -20.46
CA ALA A 143 -4.63 27.79 -21.30
C ALA A 143 -5.44 29.06 -21.06
N PRO A 144 -4.77 30.16 -20.68
CA PRO A 144 -5.52 31.39 -20.39
C PRO A 144 -6.37 31.88 -21.56
N SER A 145 -5.95 31.57 -22.79
CA SER A 145 -6.76 31.94 -23.95
C SER A 145 -8.16 31.33 -23.87
N GLN A 146 -8.31 30.29 -23.08
CA GLN A 146 -9.59 29.58 -22.99
C GLN A 146 -10.49 30.05 -21.82
N PHE A 147 -10.04 31.06 -21.07
CA PHE A 147 -10.88 31.76 -20.10
C PHE A 147 -12.02 32.45 -20.85
N LYS A 148 -13.15 32.63 -20.17
CA LYS A 148 -14.24 33.47 -20.68
C LYS A 148 -14.18 34.83 -19.97
N ASN A 149 -14.00 35.91 -20.73
CA ASN A 149 -13.81 37.25 -20.15
C ASN A 149 -12.82 37.28 -19.01
N HIS A 150 -11.67 36.64 -19.21
CA HIS A 150 -10.56 36.68 -18.25
C HIS A 150 -10.88 35.95 -16.95
N GLU A 151 -11.89 35.08 -16.97
CA GLU A 151 -12.21 34.27 -15.79
C GLU A 151 -12.46 32.82 -16.18
N THR A 152 -12.53 31.94 -15.18
CA THR A 152 -12.97 30.55 -15.39
C THR A 152 -14.21 30.18 -14.56
N MET A 153 -14.53 30.98 -13.56
CA MET A 153 -15.60 30.64 -12.62
C MET A 153 -16.97 30.69 -13.28
N ASN A 154 -17.06 31.42 -14.40
CA ASN A 154 -18.29 31.48 -15.20
C ASN A 154 -18.22 30.62 -16.46
N GLY A 155 -17.28 29.68 -16.49
CA GLY A 155 -17.17 28.76 -17.60
C GLY A 155 -15.90 28.94 -18.40
N ILE A 156 -15.57 27.94 -19.22
CA ILE A 156 -14.40 28.00 -20.08
C ILE A 156 -14.81 27.80 -21.54
N LYS A 157 -13.85 27.99 -22.44
CA LYS A 157 -14.07 27.71 -23.86
C LYS A 157 -13.70 26.25 -24.12
N ALA A 158 -12.53 26.00 -24.68
CA ALA A 158 -12.08 24.61 -24.86
C ALA A 158 -11.25 24.19 -23.65
N PRO A 159 -11.35 22.91 -23.24
CA PRO A 159 -10.65 22.45 -22.03
C PRO A 159 -9.20 22.10 -22.33
N ILE A 160 -8.39 23.13 -22.58
CA ILE A 160 -7.02 22.92 -23.05
C ILE A 160 -6.04 22.85 -21.89
N GLY A 161 -5.50 21.66 -21.63
CA GLY A 161 -4.53 21.46 -20.57
C GLY A 161 -3.15 21.18 -21.11
N THR A 162 -2.22 20.87 -20.21
CA THR A 162 -0.87 20.48 -20.62
C THR A 162 -0.66 18.98 -20.56
N GLY A 163 -1.68 18.25 -20.10
CA GLY A 163 -1.55 16.84 -19.78
C GLY A 163 -1.42 15.87 -20.95
N PRO A 164 -1.29 14.56 -20.62
CA PRO A 164 -1.01 13.54 -21.64
C PRO A 164 -2.25 13.12 -22.43
N TRP A 165 -3.44 13.60 -22.04
CA TRP A 165 -4.68 13.29 -22.73
C TRP A 165 -5.44 14.55 -23.13
N ILE A 166 -6.17 14.45 -24.24
CA ILE A 166 -6.97 15.57 -24.76
C ILE A 166 -8.38 15.06 -24.98
N LEU A 167 -9.37 15.81 -24.51
CA LEU A 167 -10.76 15.46 -24.79
C LEU A 167 -11.04 15.59 -26.28
N GLN A 168 -11.42 14.49 -26.94
CA GLN A 168 -11.69 14.53 -28.37
C GLN A 168 -13.12 14.96 -28.66
N GLU A 169 -14.07 14.30 -27.99
CA GLU A 169 -15.47 14.62 -28.16
C GLU A 169 -16.28 14.01 -27.01
N SER A 170 -17.38 14.68 -26.68
CA SER A 170 -18.31 14.19 -25.66
C SER A 170 -19.69 14.06 -26.25
N LYS A 171 -20.26 12.85 -26.16
CA LYS A 171 -21.60 12.62 -26.64
C LYS A 171 -22.52 12.37 -25.44
N LEU A 172 -23.36 13.34 -25.15
CA LEU A 172 -24.11 13.37 -23.91
C LEU A 172 -24.89 12.09 -23.61
N ASN A 173 -24.77 11.65 -22.36
N ASN A 173 -24.79 11.68 -22.34
CA ASN A 173 -25.46 10.44 -21.92
CA ASN A 173 -25.37 10.43 -21.85
C ASN A 173 -25.07 9.20 -22.73
C ASN A 173 -25.07 9.22 -22.73
N GLN A 174 -24.00 9.30 -23.50
CA GLN A 174 -23.57 8.19 -24.34
C GLN A 174 -22.10 7.78 -24.13
N TYR A 175 -21.18 8.72 -24.34
CA TYR A 175 -19.75 8.43 -24.20
C TYR A 175 -18.90 9.68 -24.23
N ASP A 176 -17.62 9.53 -23.89
CA ASP A 176 -16.63 10.59 -23.95
C ASP A 176 -15.38 9.94 -24.51
N VAL A 177 -14.74 10.59 -25.48
CA VAL A 177 -13.52 10.02 -26.06
C VAL A 177 -12.33 10.90 -25.78
N PHE A 178 -11.24 10.29 -25.31
CA PHE A 178 -10.00 11.02 -25.10
C PHE A 178 -8.94 10.42 -26.02
N VAL A 179 -8.03 11.26 -26.52
CA VAL A 179 -6.88 10.74 -27.24
C VAL A 179 -5.60 11.24 -26.63
N ARG A 180 -4.52 10.56 -26.95
CA ARG A 180 -3.18 10.92 -26.47
C ARG A 180 -2.73 12.28 -26.99
N ASN A 181 -2.15 13.10 -26.11
CA ASN A 181 -1.50 14.35 -26.53
C ASN A 181 -0.15 14.06 -27.20
N GLU A 182 -0.09 14.19 -28.52
CA GLU A 182 1.12 13.83 -29.26
C GLU A 182 2.22 14.85 -29.05
N ASN A 183 1.90 15.92 -28.35
CA ASN A 183 2.87 16.98 -28.09
C ASN A 183 3.06 17.20 -26.61
N TYR A 184 2.85 16.13 -25.85
CA TYR A 184 3.00 16.15 -24.40
C TYR A 184 4.47 16.35 -24.00
N TRP A 185 4.74 17.18 -22.99
CA TRP A 185 6.12 17.45 -22.59
C TRP A 185 6.80 16.22 -21.98
N GLY A 186 6.01 15.33 -21.41
CA GLY A 186 6.53 14.21 -20.66
C GLY A 186 6.52 12.90 -21.43
N GLU A 187 6.41 11.80 -20.68
CA GLU A 187 6.43 10.47 -21.28
C GLU A 187 5.16 10.22 -22.07
N LYS A 188 5.31 9.63 -23.24
CA LYS A 188 4.19 9.32 -24.11
C LYS A 188 3.45 8.08 -23.61
N PRO A 189 2.13 8.18 -23.46
CA PRO A 189 1.29 7.04 -23.09
C PRO A 189 1.34 6.01 -24.21
N ALA A 190 1.32 4.73 -23.87
CA ALA A 190 1.27 3.67 -24.89
C ALA A 190 -0.11 3.61 -25.53
N ILE A 191 -1.15 3.88 -24.76
CA ILE A 191 -2.52 3.88 -25.28
C ILE A 191 -2.78 5.20 -26.01
N LYS A 192 -3.48 5.11 -27.13
CA LYS A 192 -3.66 6.30 -27.98
C LYS A 192 -5.07 6.87 -27.89
N LYS A 193 -6.01 6.03 -27.47
CA LYS A 193 -7.41 6.44 -27.44
C LYS A 193 -8.13 5.71 -26.32
N ILE A 194 -8.92 6.45 -25.55
CA ILE A 194 -9.75 5.86 -24.51
C ILE A 194 -11.18 6.33 -24.66
N THR A 195 -12.10 5.38 -24.81
CA THR A 195 -13.52 5.70 -24.89
C THR A 195 -14.21 5.37 -23.56
N PHE A 196 -14.94 6.33 -23.02
CA PHE A 196 -15.73 6.12 -21.81
C PHE A 196 -17.20 5.97 -22.17
N ASN A 197 -17.71 4.74 -22.07
CA ASN A 197 -19.14 4.50 -22.24
C ASN A 197 -19.89 4.93 -20.98
N VAL A 198 -20.97 5.69 -21.14
CA VAL A 198 -21.77 6.10 -19.99
C VAL A 198 -22.75 5.01 -19.54
N ILE A 199 -22.48 4.43 -18.37
CA ILE A 199 -23.25 3.30 -17.86
C ILE A 199 -23.45 3.48 -16.36
N PRO A 200 -24.59 4.07 -15.97
CA PRO A 200 -24.82 4.44 -14.57
C PRO A 200 -25.05 3.27 -13.60
N ASP A 201 -25.53 2.14 -14.12
CA ASP A 201 -25.92 1.04 -13.23
C ASP A 201 -24.80 -0.01 -13.07
N PRO A 202 -24.48 -0.39 -11.83
CA PRO A 202 -23.37 -1.33 -11.61
C PRO A 202 -23.57 -2.69 -12.29
N THR A 203 -24.77 -3.24 -12.23
CA THR A 203 -25.03 -4.51 -12.91
C THR A 203 -24.84 -4.37 -14.42
N THR A 204 -25.30 -3.26 -14.98
CA THR A 204 -25.14 -3.04 -16.41
C THR A 204 -23.68 -2.89 -16.81
N ARG A 205 -22.85 -2.35 -15.92
CA ARG A 205 -21.40 -2.27 -16.18
C ARG A 205 -20.80 -3.69 -16.21
N ALA A 206 -21.19 -4.50 -15.23
CA ALA A 206 -20.77 -5.90 -15.19
C ALA A 206 -21.13 -6.61 -16.50
N VAL A 207 -22.36 -6.42 -16.95
CA VAL A 207 -22.80 -7.08 -18.20
C VAL A 207 -22.06 -6.55 -19.44
N ALA A 208 -21.87 -5.23 -19.50
CA ALA A 208 -21.07 -4.64 -20.56
C ALA A 208 -19.67 -5.27 -20.63
N PHE A 209 -19.06 -5.48 -19.48
CA PHE A 209 -17.75 -6.13 -19.47
C PHE A 209 -17.83 -7.59 -19.93
N GLU A 210 -18.80 -8.33 -19.42
CA GLU A 210 -18.93 -9.73 -19.78
C GLU A 210 -19.06 -9.92 -21.28
N THR A 211 -19.89 -9.09 -21.91
CA THR A 211 -20.16 -9.23 -23.33
C THR A 211 -19.02 -8.72 -24.20
N GLY A 212 -18.00 -8.12 -23.58
CA GLY A 212 -16.89 -7.59 -24.36
C GLY A 212 -17.06 -6.16 -24.81
N ASP A 213 -18.22 -5.57 -24.56
CA ASP A 213 -18.45 -4.18 -24.93
C ASP A 213 -17.38 -3.24 -24.35
N ILE A 214 -16.89 -3.53 -23.15
CA ILE A 214 -15.85 -2.69 -22.56
C ILE A 214 -14.65 -3.51 -22.11
N ASP A 215 -13.50 -2.86 -21.99
CA ASP A 215 -12.24 -3.58 -21.78
C ASP A 215 -11.77 -3.48 -20.34
N LEU A 216 -12.32 -2.54 -19.58
CA LEU A 216 -11.74 -2.15 -18.29
C LEU A 216 -12.76 -1.48 -17.38
N LEU A 217 -12.75 -1.85 -16.11
CA LEU A 217 -13.48 -1.14 -15.07
C LEU A 217 -12.50 -0.86 -13.93
N TYR A 218 -12.53 0.34 -13.38
CA TYR A 218 -11.58 0.78 -12.36
C TYR A 218 -12.33 1.73 -11.42
N GLY A 219 -12.49 1.35 -10.16
CA GLY A 219 -13.26 2.17 -9.23
C GLY A 219 -13.27 1.63 -7.82
N ASN A 220 -14.13 2.18 -6.97
CA ASN A 220 -14.15 1.75 -5.57
C ASN A 220 -15.13 0.58 -5.38
N GLU A 221 -15.60 0.37 -4.15
CA GLU A 221 -16.47 -0.78 -3.88
C GLU A 221 -17.81 -0.74 -4.63
N GLY A 222 -18.13 0.40 -5.24
CA GLY A 222 -19.38 0.54 -5.96
C GLY A 222 -19.26 0.23 -7.44
N LEU A 223 -18.08 -0.21 -7.86
CA LEU A 223 -17.78 -0.36 -9.29
C LEU A 223 -18.73 -1.33 -10.01
N LEU A 224 -18.94 -2.49 -9.40
CA LEU A 224 -19.86 -3.48 -9.93
C LEU A 224 -20.31 -4.33 -8.75
N PRO A 225 -21.37 -5.14 -8.93
CA PRO A 225 -21.80 -5.99 -7.81
C PRO A 225 -20.65 -6.86 -7.32
N LEU A 226 -20.50 -6.97 -5.99
CA LEU A 226 -19.32 -7.62 -5.44
C LEU A 226 -19.38 -9.14 -5.55
N ASP A 227 -20.58 -9.71 -5.57
CA ASP A 227 -20.74 -11.13 -5.86
C ASP A 227 -20.24 -11.44 -7.29
N THR A 228 -20.61 -10.57 -8.23
CA THR A 228 -20.13 -10.70 -9.60
C THR A 228 -18.61 -10.53 -9.66
N PHE A 229 -18.09 -9.52 -8.96
CA PHE A 229 -16.65 -9.34 -8.87
C PHE A 229 -15.90 -10.60 -8.40
N ALA A 230 -16.41 -11.25 -7.35
CA ALA A 230 -15.82 -12.49 -6.86
C ALA A 230 -15.84 -13.61 -7.90
N ARG A 231 -16.96 -13.72 -8.61
N ARG A 231 -16.95 -13.75 -8.62
CA ARG A 231 -17.08 -14.71 -9.68
CA ARG A 231 -17.00 -14.76 -9.67
C ARG A 231 -16.07 -14.43 -10.79
C ARG A 231 -16.01 -14.43 -10.79
N PHE A 232 -15.95 -13.16 -11.20
CA PHE A 232 -15.01 -12.77 -12.24
C PHE A 232 -13.57 -13.15 -11.84
N SER A 233 -13.23 -13.00 -10.57
CA SER A 233 -11.84 -13.24 -10.13
C SER A 233 -11.43 -14.73 -10.25
N GLN A 234 -12.43 -15.59 -10.41
CA GLN A 234 -12.15 -17.02 -10.55
C GLN A 234 -12.23 -17.47 -12.00
N ASN A 235 -12.65 -16.57 -12.87
CA ASN A 235 -12.81 -16.90 -14.27
C ASN A 235 -11.55 -16.53 -15.03
N PRO A 236 -10.84 -17.53 -15.53
CA PRO A 236 -9.55 -17.33 -16.19
C PRO A 236 -9.68 -16.49 -17.48
N ALA A 237 -10.90 -16.33 -17.98
CA ALA A 237 -11.11 -15.50 -19.15
C ALA A 237 -10.96 -14.02 -18.83
N TYR A 238 -11.03 -13.65 -17.55
CA TYR A 238 -10.97 -12.25 -17.17
C TYR A 238 -9.76 -12.01 -16.29
N HIS A 239 -9.46 -10.75 -16.02
CA HIS A 239 -8.46 -10.39 -15.02
C HIS A 239 -9.12 -9.47 -14.02
N THR A 240 -8.82 -9.66 -12.73
CA THR A 240 -9.32 -8.76 -11.70
C THR A 240 -8.21 -8.45 -10.73
N GLN A 241 -8.35 -7.33 -10.03
CA GLN A 241 -7.42 -6.90 -8.99
C GLN A 241 -8.18 -6.25 -7.85
N LEU A 242 -7.63 -6.32 -6.65
CA LEU A 242 -8.15 -5.58 -5.51
C LEU A 242 -6.97 -4.95 -4.79
N SER A 243 -6.93 -3.62 -4.69
CA SER A 243 -5.77 -2.93 -4.11
C SER A 243 -5.74 -3.08 -2.60
N GLN A 244 -4.70 -2.55 -1.98
CA GLN A 244 -4.66 -2.34 -0.54
C GLN A 244 -5.62 -1.20 -0.24
N PRO A 245 -6.11 -1.13 0.99
CA PRO A 245 -7.18 -0.16 1.30
C PRO A 245 -6.78 1.27 1.04
N ILE A 246 -7.75 2.09 0.64
CA ILE A 246 -7.47 3.48 0.31
C ILE A 246 -8.15 4.51 1.22
N GLU A 247 -9.26 4.14 1.85
CA GLU A 247 -9.98 5.10 2.72
C GLU A 247 -11.01 4.37 3.58
N THR A 248 -11.62 5.12 4.50
CA THR A 248 -12.59 4.54 5.44
C THR A 248 -14.03 4.84 5.03
N VAL A 249 -14.90 3.86 5.25
CA VAL A 249 -16.35 4.06 5.21
C VAL A 249 -16.86 3.91 6.64
N MET A 250 -17.66 4.87 7.09
CA MET A 250 -18.11 4.91 8.48
C MET A 250 -19.46 5.59 8.56
N LEU A 251 -20.12 5.48 9.71
CA LEU A 251 -21.26 6.33 9.98
C LEU A 251 -20.74 7.53 10.76
N ALA A 252 -21.33 8.69 10.52
CA ALA A 252 -21.18 9.81 11.45
C ALA A 252 -22.42 9.84 12.31
N LEU A 253 -22.22 9.99 13.62
CA LEU A 253 -23.29 10.02 14.57
C LEU A 253 -23.51 11.46 15.02
N ASN A 254 -24.76 11.91 15.11
CA ASN A 254 -25.01 13.32 15.43
C ASN A 254 -24.96 13.59 16.92
N THR A 255 -23.85 14.15 17.38
CA THR A 255 -23.68 14.42 18.80
C THR A 255 -24.58 15.55 19.30
N ALA A 256 -25.29 16.20 18.37
CA ALA A 256 -26.12 17.34 18.72
C ALA A 256 -27.62 17.04 18.67
N LYS A 257 -27.96 15.78 18.38
CA LYS A 257 -29.37 15.41 18.25
C LYS A 257 -29.69 14.16 19.07
N ALA A 258 -30.74 14.21 19.87
CA ALA A 258 -31.18 13.04 20.63
C ALA A 258 -31.52 11.91 19.67
N PRO A 259 -31.22 10.66 20.06
CA PRO A 259 -30.54 10.24 21.28
C PRO A 259 -29.03 10.03 21.06
N THR A 260 -28.53 10.27 19.86
CA THR A 260 -27.09 10.16 19.62
C THR A 260 -26.29 11.28 20.28
N ASN A 261 -26.97 12.20 20.96
CA ASN A 261 -26.27 13.24 21.69
C ASN A 261 -25.66 12.66 22.96
N GLU A 262 -26.12 11.48 23.37
CA GLU A 262 -25.57 10.84 24.57
C GLU A 262 -24.34 9.98 24.27
N LEU A 263 -23.26 10.23 24.99
CA LEU A 263 -22.02 9.48 24.78
C LEU A 263 -22.30 8.00 24.95
N ALA A 264 -23.08 7.67 25.96
CA ALA A 264 -23.33 6.27 26.28
C ALA A 264 -24.03 5.58 25.12
N VAL A 265 -24.92 6.31 24.45
CA VAL A 265 -25.61 5.72 23.31
C VAL A 265 -24.62 5.48 22.17
N ARG A 266 -23.78 6.48 21.88
CA ARG A 266 -22.79 6.37 20.80
C ARG A 266 -21.80 5.23 21.03
N GLU A 267 -21.35 5.11 22.29
CA GLU A 267 -20.49 3.99 22.67
C GLU A 267 -21.20 2.65 22.46
N ALA A 268 -22.47 2.56 22.86
CA ALA A 268 -23.20 1.31 22.70
C ALA A 268 -23.36 0.93 21.24
N LEU A 269 -23.66 1.92 20.41
CA LEU A 269 -23.79 1.69 18.98
C LEU A 269 -22.49 1.17 18.40
N ASN A 270 -21.36 1.66 18.91
CA ASN A 270 -20.04 1.20 18.44
C ASN A 270 -19.66 -0.24 18.85
N TYR A 271 -20.43 -0.85 19.75
CA TYR A 271 -20.28 -2.27 20.10
C TYR A 271 -21.32 -3.16 19.42
N ALA A 272 -22.26 -2.52 18.72
CA ALA A 272 -23.46 -3.23 18.28
C ALA A 272 -23.34 -3.93 16.93
N VAL A 273 -22.47 -3.42 16.06
CA VAL A 273 -22.40 -3.96 14.71
C VAL A 273 -21.34 -5.06 14.60
N ASN A 274 -21.73 -6.21 14.07
CA ASN A 274 -20.73 -7.22 13.74
C ASN A 274 -20.18 -6.88 12.36
N LYS A 275 -19.03 -6.19 12.35
CA LYS A 275 -18.50 -5.65 11.12
C LYS A 275 -17.98 -6.73 10.17
N LYS A 276 -17.31 -7.72 10.74
CA LYS A 276 -16.79 -8.83 9.95
C LYS A 276 -17.95 -9.50 9.22
N SER A 277 -19.02 -9.76 9.95
CA SER A 277 -20.20 -10.37 9.33
C SER A 277 -20.83 -9.46 8.28
N LEU A 278 -20.87 -8.17 8.56
CA LEU A 278 -21.41 -7.20 7.59
C LEU A 278 -20.62 -7.23 6.31
N ILE A 279 -19.30 -7.22 6.43
CA ILE A 279 -18.44 -7.31 5.26
C ILE A 279 -18.59 -8.64 4.53
N ASP A 280 -18.67 -9.75 5.27
CA ASP A 280 -18.88 -11.05 4.64
C ASP A 280 -20.27 -11.22 4.01
N ASN A 281 -21.26 -10.54 4.56
CA ASN A 281 -22.65 -10.68 4.16
C ASN A 281 -22.99 -9.76 2.99
N ALA A 282 -22.57 -8.50 3.08
CA ALA A 282 -22.97 -7.49 2.11
C ALA A 282 -21.86 -7.13 1.13
N LEU A 283 -20.62 -7.29 1.55
CA LEU A 283 -19.47 -6.89 0.74
CA LEU A 283 -19.48 -6.89 0.73
C LEU A 283 -18.69 -8.09 0.21
N TYR A 284 -19.28 -9.27 0.35
CA TYR A 284 -18.68 -10.49 -0.18
CA TYR A 284 -18.68 -10.51 -0.15
C TYR A 284 -17.22 -10.68 0.24
N GLY A 285 -16.89 -10.24 1.46
CA GLY A 285 -15.57 -10.43 2.02
C GLY A 285 -14.45 -9.69 1.31
N THR A 286 -14.77 -8.67 0.54
CA THR A 286 -13.76 -7.97 -0.26
C THR A 286 -13.16 -6.74 0.42
N GLN A 287 -13.63 -6.42 1.61
CA GLN A 287 -13.10 -5.24 2.29
CA GLN A 287 -13.18 -5.22 2.34
C GLN A 287 -12.60 -5.60 3.69
N GLN A 288 -11.99 -4.63 4.37
CA GLN A 288 -11.42 -4.89 5.69
C GLN A 288 -12.22 -4.22 6.79
N VAL A 289 -12.27 -4.84 7.97
CA VAL A 289 -12.95 -4.23 9.11
C VAL A 289 -12.19 -3.00 9.59
N ALA A 290 -12.91 -1.92 9.88
CA ALA A 290 -12.31 -0.68 10.40
C ALA A 290 -12.72 -0.46 11.85
N ASP A 291 -11.76 -0.22 12.75
CA ASP A 291 -12.07 0.06 14.16
C ASP A 291 -11.90 1.54 14.48
N THR A 292 -11.25 2.28 13.59
CA THR A 292 -10.91 3.68 13.85
C THR A 292 -11.20 4.55 12.62
N LEU A 293 -11.44 5.84 12.85
CA LEU A 293 -11.67 6.79 11.75
C LEU A 293 -10.65 6.65 10.63
N PHE A 294 -9.36 6.67 10.98
CA PHE A 294 -8.30 6.38 10.02
C PHE A 294 -7.63 5.06 10.35
N ALA A 295 -7.32 4.26 9.33
CA ALA A 295 -6.52 3.05 9.56
C ALA A 295 -5.17 3.42 10.17
N PRO A 296 -4.62 2.52 10.99
CA PRO A 296 -3.32 2.71 11.65
C PRO A 296 -2.19 2.96 10.65
N SER A 297 -2.39 2.63 9.38
CA SER A 297 -1.36 2.86 8.36
C SER A 297 -1.33 4.30 7.84
N VAL A 298 -2.34 5.08 8.18
CA VAL A 298 -2.46 6.46 7.73
C VAL A 298 -1.47 7.34 8.48
N PRO A 299 -0.79 8.25 7.78
CA PRO A 299 0.15 9.15 8.48
C PRO A 299 -0.46 9.81 9.71
N TYR A 300 0.32 9.88 10.78
CA TYR A 300 -0.06 10.49 12.04
C TYR A 300 -1.11 9.71 12.83
N ALA A 301 -1.56 8.59 12.29
CA ALA A 301 -2.73 7.91 12.83
C ALA A 301 -2.47 6.59 13.56
N ASN A 302 -1.20 6.24 13.76
CA ASN A 302 -0.89 5.01 14.48
C ASN A 302 -0.79 5.30 15.97
N LEU A 303 -1.93 5.32 16.64
CA LEU A 303 -2.02 5.91 17.98
C LEU A 303 -2.41 4.89 19.04
N GLY A 304 -2.51 3.62 18.65
CA GLY A 304 -2.94 2.61 19.59
C GLY A 304 -4.33 2.84 20.18
N LEU A 305 -5.22 3.46 19.41
CA LEU A 305 -6.61 3.65 19.86
C LEU A 305 -7.30 2.32 20.12
N LYS A 306 -8.13 2.26 21.16
CA LYS A 306 -8.75 1.00 21.55
C LYS A 306 -10.00 0.69 20.71
N PRO A 307 -10.01 -0.46 20.01
CA PRO A 307 -11.18 -0.81 19.21
C PRO A 307 -12.37 -1.19 20.10
N SER A 308 -13.56 -0.90 19.63
CA SER A 308 -14.76 -1.42 20.26
C SER A 308 -15.19 -2.62 19.42
N GLN A 309 -14.90 -3.82 19.92
CA GLN A 309 -15.24 -5.05 19.19
C GLN A 309 -16.73 -5.35 19.31
N TYR A 310 -17.28 -6.05 18.34
CA TYR A 310 -18.67 -6.49 18.40
C TYR A 310 -18.98 -7.16 19.73
N ASP A 311 -19.85 -6.55 20.52
CA ASP A 311 -20.15 -7.07 21.85
C ASP A 311 -21.53 -6.61 22.28
N PRO A 312 -22.58 -7.32 21.82
CA PRO A 312 -23.95 -6.91 22.13
C PRO A 312 -24.21 -6.81 23.63
N GLN A 313 -23.65 -7.74 24.38
CA GLN A 313 -23.81 -7.72 25.83
C GLN A 313 -23.34 -6.39 26.44
N LYS A 314 -22.15 -5.94 26.04
CA LYS A 314 -21.63 -4.68 26.53
C LYS A 314 -22.48 -3.50 26.02
N ALA A 315 -22.93 -3.53 24.77
CA ALA A 315 -23.81 -2.47 24.27
C ALA A 315 -25.04 -2.35 25.14
N LYS A 316 -25.65 -3.49 25.46
CA LYS A 316 -26.85 -3.47 26.26
C LYS A 316 -26.59 -2.91 27.66
N ALA A 317 -25.48 -3.31 28.26
CA ALA A 317 -25.16 -2.86 29.61
C ALA A 317 -24.93 -1.35 29.64
N LEU A 318 -24.23 -0.84 28.63
CA LEU A 318 -24.07 0.61 28.51
C LEU A 318 -25.43 1.33 28.46
N LEU A 319 -26.33 0.87 27.59
CA LEU A 319 -27.66 1.48 27.50
C LEU A 319 -28.45 1.39 28.81
N GLU A 320 -28.49 0.21 29.41
CA GLU A 320 -29.18 0.03 30.69
C GLU A 320 -28.65 1.01 31.74
N LYS A 321 -27.32 1.04 31.88
CA LYS A 321 -26.66 1.93 32.83
C LYS A 321 -26.99 3.41 32.59
N ALA A 322 -27.31 3.74 31.34
CA ALA A 322 -27.66 5.11 30.99
C ALA A 322 -29.17 5.36 31.06
N GLY A 323 -29.91 4.37 31.54
CA GLY A 323 -31.33 4.56 31.77
C GLY A 323 -32.18 4.23 30.56
N TRP A 324 -31.58 3.58 29.57
CA TRP A 324 -32.35 3.12 28.42
C TRP A 324 -32.75 1.67 28.66
N THR A 325 -33.93 1.46 29.23
CA THR A 325 -34.35 0.09 29.55
C THR A 325 -35.56 -0.34 28.72
N LEU A 326 -35.84 -1.64 28.75
CA LEU A 326 -36.89 -2.22 27.93
C LEU A 326 -38.21 -2.26 28.68
N PRO A 327 -39.26 -1.61 28.12
CA PRO A 327 -40.62 -1.71 28.67
C PRO A 327 -41.11 -3.15 28.61
N ALA A 328 -42.00 -3.53 29.52
CA ALA A 328 -42.57 -4.86 29.49
C ALA A 328 -43.24 -5.08 28.13
N GLY A 329 -42.96 -6.22 27.51
CA GLY A 329 -43.54 -6.57 26.23
C GLY A 329 -42.93 -5.91 25.00
N LYS A 330 -41.83 -5.18 25.17
CA LYS A 330 -41.24 -4.44 24.05
C LYS A 330 -39.77 -4.73 23.81
N ASP A 331 -39.34 -4.59 22.56
CA ASP A 331 -37.95 -4.83 22.20
C ASP A 331 -37.14 -3.54 22.05
N ILE A 332 -37.82 -2.39 22.04
CA ILE A 332 -37.15 -1.11 21.89
C ILE A 332 -37.08 -0.35 23.21
N ARG A 333 -35.87 0.03 23.60
CA ARG A 333 -35.63 0.69 24.87
C ARG A 333 -36.32 2.04 24.95
N GLU A 334 -36.58 2.47 26.18
CA GLU A 334 -37.15 3.79 26.42
C GLU A 334 -36.44 4.46 27.61
N LYS A 335 -36.40 5.79 27.58
CA LYS A 335 -35.85 6.60 28.67
C LYS A 335 -36.61 7.94 28.72
N ASN A 336 -36.97 8.39 29.92
CA ASN A 336 -37.77 9.61 30.12
C ASN A 336 -38.99 9.69 29.19
N GLY A 337 -39.67 8.56 28.99
CA GLY A 337 -40.80 8.52 28.07
C GLY A 337 -40.44 8.22 26.61
N GLN A 338 -39.26 8.67 26.20
CA GLN A 338 -38.83 8.60 24.80
CA GLN A 338 -38.84 8.59 24.80
C GLN A 338 -38.21 7.25 24.40
N PRO A 339 -38.69 6.66 23.29
CA PRO A 339 -38.12 5.41 22.77
C PRO A 339 -36.75 5.65 22.11
N LEU A 340 -35.88 4.65 22.16
CA LEU A 340 -34.54 4.78 21.56
C LEU A 340 -34.63 4.63 20.04
N ARG A 341 -34.94 5.74 19.37
CA ARG A 341 -35.11 5.72 17.91
CA ARG A 341 -35.15 5.76 17.92
C ARG A 341 -34.09 6.61 17.21
N ILE A 342 -33.48 6.08 16.15
CA ILE A 342 -32.44 6.79 15.44
C ILE A 342 -32.67 6.68 13.95
N GLU A 343 -32.60 7.80 13.24
CA GLU A 343 -32.75 7.76 11.79
C GLU A 343 -31.40 7.58 11.09
N LEU A 344 -31.33 6.62 10.20
CA LEU A 344 -30.12 6.35 9.42
C LEU A 344 -30.32 6.79 7.97
N SER A 345 -29.63 7.85 7.57
CA SER A 345 -29.75 8.41 6.21
C SER A 345 -28.71 7.87 5.24
N PHE A 346 -29.13 7.62 4.01
CA PHE A 346 -28.23 7.12 2.97
C PHE A 346 -28.88 7.38 1.62
N ILE A 347 -28.10 7.29 0.56
CA ILE A 347 -28.64 7.43 -0.79
C ILE A 347 -29.49 6.22 -1.16
N GLY A 348 -30.80 6.43 -1.35
CA GLY A 348 -31.76 5.35 -1.50
C GLY A 348 -31.61 4.42 -2.69
N THR A 349 -31.05 4.90 -3.77
CA THR A 349 -30.96 4.11 -5.00
C THR A 349 -29.67 3.31 -5.01
N ASP A 350 -28.83 3.56 -4.01
CA ASP A 350 -27.55 2.88 -3.86
C ASP A 350 -27.74 1.53 -3.16
N ALA A 351 -27.76 0.45 -3.94
CA ALA A 351 -28.15 -0.87 -3.43
C ALA A 351 -27.21 -1.41 -2.35
N LEU A 352 -25.95 -1.02 -2.45
CA LEU A 352 -24.94 -1.45 -1.51
C LEU A 352 -25.11 -0.70 -0.19
N SER A 353 -25.31 0.61 -0.25
CA SER A 353 -25.57 1.39 0.96
C SER A 353 -26.80 0.85 1.68
N LYS A 354 -27.83 0.53 0.90
CA LYS A 354 -29.07 0.02 1.44
C LYS A 354 -28.88 -1.31 2.14
N SER A 355 -28.06 -2.19 1.55
CA SER A 355 -27.78 -3.49 2.14
CA SER A 355 -27.78 -3.50 2.15
C SER A 355 -27.05 -3.36 3.49
N MET A 356 -26.05 -2.50 3.52
CA MET A 356 -25.34 -2.26 4.77
C MET A 356 -26.29 -1.63 5.78
N ALA A 357 -27.15 -0.72 5.32
CA ALA A 357 -28.07 -0.06 6.26
C ALA A 357 -29.02 -1.08 6.91
N GLU A 358 -29.52 -2.05 6.14
CA GLU A 358 -30.41 -3.06 6.69
CA GLU A 358 -30.42 -3.07 6.68
C GLU A 358 -29.71 -3.92 7.74
N ILE A 359 -28.46 -4.27 7.47
CA ILE A 359 -27.68 -5.02 8.43
C ILE A 359 -27.49 -4.21 9.71
N ILE A 360 -27.07 -2.97 9.56
CA ILE A 360 -26.87 -2.12 10.73
C ILE A 360 -28.16 -1.98 11.53
N GLN A 361 -29.28 -1.76 10.84
CA GLN A 361 -30.59 -1.70 11.49
C GLN A 361 -30.89 -2.99 12.27
N ALA A 362 -30.65 -4.13 11.65
CA ALA A 362 -30.90 -5.42 12.30
C ALA A 362 -30.02 -5.61 13.52
N ASP A 363 -28.73 -5.30 13.38
CA ASP A 363 -27.79 -5.44 14.49
C ASP A 363 -28.20 -4.54 15.66
N MET A 364 -28.60 -3.30 15.36
CA MET A 364 -28.94 -2.39 16.43
C MET A 364 -30.27 -2.77 17.12
N ARG A 365 -31.16 -3.40 16.37
CA ARG A 365 -32.40 -3.85 16.97
C ARG A 365 -32.14 -4.93 18.03
N GLN A 366 -31.11 -5.73 17.80
CA GLN A 366 -30.76 -6.79 18.73
C GLN A 366 -30.34 -6.22 20.09
N ILE A 367 -29.96 -4.96 20.15
CA ILE A 367 -29.57 -4.38 21.43
C ILE A 367 -30.58 -3.32 21.88
N GLY A 368 -31.72 -3.29 21.20
CA GLY A 368 -32.84 -2.47 21.65
C GLY A 368 -32.93 -1.08 21.07
N ALA A 369 -32.26 -0.82 19.95
CA ALA A 369 -32.31 0.48 19.30
C ALA A 369 -33.12 0.37 18.02
N ASP A 370 -34.06 1.28 17.86
CA ASP A 370 -34.92 1.28 16.69
C ASP A 370 -34.41 2.25 15.62
N VAL A 371 -33.67 1.72 14.67
CA VAL A 371 -33.14 2.52 13.59
C VAL A 371 -34.17 2.55 12.47
N SER A 372 -34.55 3.75 12.04
CA SER A 372 -35.45 3.94 10.89
C SER A 372 -34.62 4.30 9.66
N LEU A 373 -34.82 3.59 8.56
CA LEU A 373 -34.05 3.86 7.35
C LEU A 373 -34.67 4.99 6.53
N ILE A 374 -33.88 6.02 6.26
CA ILE A 374 -34.29 7.15 5.43
C ILE A 374 -33.42 7.15 4.19
N GLY A 375 -33.89 6.51 3.13
CA GLY A 375 -33.18 6.49 1.86
C GLY A 375 -33.71 7.58 0.96
N GLU A 376 -32.84 8.45 0.50
CA GLU A 376 -33.25 9.63 -0.30
C GLU A 376 -32.29 9.87 -1.46
N GLU A 377 -32.69 10.72 -2.40
CA GLU A 377 -31.82 11.10 -3.51
C GLU A 377 -30.60 11.87 -3.02
N GLU A 378 -29.52 11.87 -3.80
CA GLU A 378 -28.25 12.52 -3.40
C GLU A 378 -28.43 13.92 -2.84
N SER A 379 -29.15 14.76 -3.56
CA SER A 379 -29.22 16.16 -3.20
C SER A 379 -29.84 16.30 -1.81
N SER A 380 -30.82 15.45 -1.53
CA SER A 380 -31.48 15.47 -0.23
CA SER A 380 -31.49 15.46 -0.24
C SER A 380 -30.55 15.00 0.89
N ILE A 381 -29.71 14.01 0.58
CA ILE A 381 -28.76 13.49 1.55
C ILE A 381 -27.66 14.53 1.79
N TYR A 382 -27.20 15.16 0.72
CA TYR A 382 -26.16 16.18 0.86
C TYR A 382 -26.67 17.36 1.67
N ALA A 383 -27.93 17.72 1.46
CA ALA A 383 -28.53 18.82 2.21
C ALA A 383 -28.63 18.48 3.70
N ARG A 384 -28.85 17.20 4.00
CA ARG A 384 -28.93 16.76 5.39
C ARG A 384 -27.55 16.84 6.05
N GLN A 385 -26.54 16.42 5.31
CA GLN A 385 -25.16 16.51 5.78
C GLN A 385 -24.82 17.95 6.12
N ARG A 386 -25.25 18.87 5.27
CA ARG A 386 -24.86 20.26 5.45
C ARG A 386 -25.51 20.89 6.66
N ASP A 387 -26.75 20.50 6.96
CA ASP A 387 -27.47 21.21 8.00
C ASP A 387 -27.73 20.41 9.26
N GLY A 388 -27.13 19.22 9.35
CA GLY A 388 -27.24 18.44 10.57
C GLY A 388 -28.57 17.72 10.78
N ARG A 389 -29.39 17.62 9.74
CA ARG A 389 -30.64 16.86 9.85
C ARG A 389 -30.44 15.36 9.62
N PHE A 390 -29.74 14.71 10.55
CA PHE A 390 -29.55 13.27 10.53
C PHE A 390 -29.26 12.81 11.94
N GLY A 391 -29.51 11.54 12.22
CA GLY A 391 -29.09 10.93 13.46
C GLY A 391 -27.79 10.18 13.20
N MET A 392 -27.84 9.32 12.19
CA MET A 392 -26.68 8.61 11.66
C MET A 392 -26.67 8.75 10.14
N ILE A 393 -25.50 8.93 9.57
CA ILE A 393 -25.40 9.06 8.12
C ILE A 393 -24.16 8.34 7.60
N PHE A 394 -24.29 7.67 6.47
CA PHE A 394 -23.14 7.04 5.83
C PHE A 394 -22.16 8.13 5.39
N HIS A 395 -20.87 7.89 5.59
CA HIS A 395 -19.85 8.90 5.30
C HIS A 395 -18.58 8.12 4.90
N ARG A 396 -17.55 8.82 4.45
CA ARG A 396 -16.29 8.15 4.10
C ARG A 396 -15.21 9.20 4.13
N THR A 397 -13.97 8.77 4.39
CA THR A 397 -12.85 9.68 4.26
C THR A 397 -12.44 9.80 2.79
N TRP A 398 -11.36 10.53 2.52
CA TRP A 398 -11.12 10.97 1.14
C TRP A 398 -9.92 10.31 0.44
N GLY A 399 -9.14 9.53 1.18
CA GLY A 399 -8.00 8.83 0.61
C GLY A 399 -6.83 9.75 0.42
N ALA A 400 -5.68 9.22 0.02
CA ALA A 400 -4.49 10.05 -0.15
C ALA A 400 -4.71 11.00 -1.34
N PRO A 401 -4.17 12.23 -1.26
CA PRO A 401 -3.36 12.78 -0.18
C PRO A 401 -4.17 13.61 0.81
N TYR A 402 -5.49 13.47 0.80
CA TYR A 402 -6.36 14.24 1.70
C TYR A 402 -6.35 13.75 3.16
N ASP A 403 -6.20 12.44 3.35
CA ASP A 403 -6.25 11.86 4.69
C ASP A 403 -4.87 11.87 5.34
N PRO A 404 -4.75 12.37 6.57
CA PRO A 404 -5.81 12.89 7.43
C PRO A 404 -5.98 14.41 7.39
N HIS A 405 -5.00 15.16 6.87
CA HIS A 405 -4.97 16.61 7.15
C HIS A 405 -6.14 17.38 6.56
N ALA A 406 -6.48 17.08 5.30
CA ALA A 406 -7.54 17.84 4.63
C ALA A 406 -8.90 17.42 5.13
N PHE A 407 -9.07 16.13 5.42
CA PHE A 407 -10.31 15.68 6.04
C PHE A 407 -10.53 16.36 7.38
N LEU A 408 -9.48 16.45 8.19
CA LEU A 408 -9.58 17.10 9.50
C LEU A 408 -9.83 18.61 9.34
N SER A 409 -9.08 19.24 8.43
CA SER A 409 -9.28 20.65 8.16
C SER A 409 -10.74 20.97 7.89
N SER A 410 -11.39 20.13 7.07
CA SER A 410 -12.77 20.36 6.67
C SER A 410 -13.79 20.20 7.80
N MET A 411 -13.40 19.56 8.91
CA MET A 411 -14.28 19.45 10.08
C MET A 411 -14.63 20.81 10.67
N ARG A 412 -13.87 21.83 10.28
CA ARG A 412 -14.07 23.18 10.81
C ARG A 412 -15.11 23.95 10.01
N VAL A 413 -15.49 23.41 8.87
CA VAL A 413 -16.35 24.14 7.94
C VAL A 413 -17.80 23.80 8.21
N PRO A 414 -18.61 24.82 8.54
CA PRO A 414 -19.97 24.57 9.02
C PRO A 414 -20.88 23.80 8.07
N SER A 415 -20.61 23.86 6.78
CA SER A 415 -21.55 23.29 5.82
C SER A 415 -21.23 21.86 5.46
N HIS A 416 -20.59 21.13 6.37
CA HIS A 416 -20.20 19.77 6.08
C HIS A 416 -20.60 18.81 7.19
N ALA A 417 -20.76 17.54 6.82
CA ALA A 417 -21.26 16.52 7.75
C ALA A 417 -20.48 16.41 9.05
N ASP A 418 -19.15 16.49 8.97
CA ASP A 418 -18.36 16.25 10.17
C ASP A 418 -18.53 17.38 11.16
N PHE A 419 -18.60 18.61 10.66
CA PHE A 419 -18.81 19.74 11.55
C PHE A 419 -20.15 19.57 12.27
N GLN A 420 -21.18 19.26 11.51
CA GLN A 420 -22.51 19.07 12.06
C GLN A 420 -22.52 17.93 13.09
N ALA A 421 -21.93 16.79 12.74
CA ALA A 421 -21.90 15.64 13.64
C ALA A 421 -21.25 15.96 14.97
N GLN A 422 -20.24 16.83 14.94
CA GLN A 422 -19.42 17.14 16.12
C GLN A 422 -19.97 18.31 16.94
N GLN A 423 -21.05 18.91 16.47
CA GLN A 423 -21.53 20.15 17.10
C GLN A 423 -21.90 20.02 18.57
N GLY A 424 -22.27 18.82 19.00
CA GLY A 424 -22.69 18.66 20.38
C GLY A 424 -21.56 18.41 21.36
N LEU A 425 -20.33 18.41 20.90
CA LEU A 425 -19.22 18.12 21.80
C LEU A 425 -18.79 19.40 22.52
N ALA A 426 -18.64 19.33 23.84
CA ALA A 426 -18.15 20.46 24.63
C ALA A 426 -16.76 20.89 24.16
N ASP A 427 -15.97 19.93 23.70
CA ASP A 427 -14.61 20.21 23.24
C ASP A 427 -14.48 20.53 21.74
N LYS A 428 -15.59 20.78 21.07
CA LYS A 428 -15.56 21.08 19.63
C LYS A 428 -14.72 22.32 19.29
N PRO A 429 -14.90 23.41 20.05
CA PRO A 429 -14.07 24.60 19.79
C PRO A 429 -12.57 24.31 19.94
N LEU A 430 -12.19 23.61 21.01
CA LEU A 430 -10.80 23.22 21.21
C LEU A 430 -10.27 22.34 20.07
N ILE A 431 -11.08 21.39 19.63
CA ILE A 431 -10.71 20.53 18.51
C ILE A 431 -10.44 21.36 17.26
N ASP A 432 -11.35 22.28 16.95
CA ASP A 432 -11.21 23.13 15.77
C ASP A 432 -9.98 24.05 15.85
N LYS A 433 -9.67 24.52 17.05
CA LYS A 433 -8.49 25.35 17.26
C LYS A 433 -7.21 24.54 17.02
N GLU A 434 -7.19 23.33 17.56
CA GLU A 434 -6.06 22.43 17.36
C GLU A 434 -5.89 22.00 15.90
N ILE A 435 -7.00 21.82 15.18
CA ILE A 435 -6.92 21.55 13.73
C ILE A 435 -6.23 22.73 13.00
N GLY A 436 -6.64 23.94 13.34
CA GLY A 436 -5.99 25.12 12.79
C GLY A 436 -4.51 25.16 13.13
N GLU A 437 -4.18 24.85 14.38
CA GLU A 437 -2.79 24.86 14.82
CA GLU A 437 -2.79 24.85 14.82
C GLU A 437 -1.93 23.81 14.10
N VAL A 438 -2.43 22.59 14.00
CA VAL A 438 -1.64 21.50 13.42
C VAL A 438 -1.24 21.75 11.95
N LEU A 439 -2.10 22.43 11.21
CA LEU A 439 -1.84 22.66 9.79
C LEU A 439 -0.67 23.64 9.56
N ALA A 440 -0.37 24.46 10.55
CA ALA A 440 0.74 25.41 10.41
C ALA A 440 1.93 25.06 11.31
N THR A 441 1.94 23.84 11.85
CA THR A 441 2.99 23.45 12.78
C THR A 441 4.17 22.80 12.08
N HIS A 442 5.38 23.32 12.32
CA HIS A 442 6.56 22.70 11.73
C HIS A 442 7.43 21.99 12.77
N ASP A 443 7.11 22.23 14.03
CA ASP A 443 7.67 21.42 15.12
C ASP A 443 7.04 20.02 14.98
N GLU A 444 7.83 19.04 14.55
CA GLU A 444 7.27 17.73 14.23
C GLU A 444 6.66 17.09 15.46
N THR A 445 7.23 17.38 16.63
CA THR A 445 6.74 16.78 17.87
C THR A 445 5.35 17.30 18.20
N GLN A 446 5.19 18.63 18.19
CA GLN A 446 3.89 19.27 18.39
C GLN A 446 2.86 18.81 17.34
N ARG A 447 3.28 18.65 16.09
CA ARG A 447 2.36 18.20 15.05
C ARG A 447 1.77 16.84 15.38
N GLN A 448 2.63 15.89 15.70
CA GLN A 448 2.17 14.56 16.11
C GLN A 448 1.26 14.61 17.35
N ALA A 449 1.58 15.48 18.29
CA ALA A 449 0.81 15.57 19.53
C ALA A 449 -0.60 16.13 19.26
N LEU A 450 -0.68 17.13 18.38
CA LEU A 450 -1.96 17.69 18.00
C LEU A 450 -2.80 16.66 17.25
N TYR A 451 -2.23 16.01 16.24
CA TYR A 451 -2.98 14.93 15.58
C TYR A 451 -3.43 13.86 16.57
N ARG A 452 -2.56 13.45 17.49
CA ARG A 452 -3.01 12.47 18.48
C ARG A 452 -4.19 12.98 19.29
N ASP A 453 -4.11 14.22 19.77
CA ASP A 453 -5.17 14.73 20.63
C ASP A 453 -6.48 14.84 19.85
N ILE A 454 -6.42 15.34 18.63
CA ILE A 454 -7.62 15.47 17.84
C ILE A 454 -8.28 14.10 17.56
N LEU A 455 -7.48 13.15 17.08
CA LEU A 455 -8.02 11.84 16.68
C LEU A 455 -8.45 11.05 17.89
N THR A 456 -7.75 11.23 19.00
CA THR A 456 -8.11 10.52 20.22
C THR A 456 -9.44 11.03 20.78
N ARG A 457 -9.63 12.36 20.79
CA ARG A 457 -10.91 12.89 21.26
C ARG A 457 -12.08 12.41 20.39
N LEU A 458 -11.90 12.43 19.06
CA LEU A 458 -12.93 11.97 18.16
C LEU A 458 -13.26 10.50 18.39
N HIS A 459 -12.23 9.71 18.64
CA HIS A 459 -12.40 8.30 18.95
C HIS A 459 -13.10 8.10 20.29
N ASP A 460 -12.59 8.75 21.34
CA ASP A 460 -13.14 8.57 22.69
C ASP A 460 -14.54 9.10 22.82
N GLU A 461 -14.89 10.11 22.02
CA GLU A 461 -16.23 10.68 22.03
C GLU A 461 -17.18 9.90 21.12
N ALA A 462 -16.65 8.86 20.47
CA ALA A 462 -17.47 7.99 19.62
C ALA A 462 -18.29 8.80 18.60
N VAL A 463 -17.65 9.78 17.96
CA VAL A 463 -18.30 10.57 16.94
C VAL A 463 -18.68 9.72 15.73
N TYR A 464 -17.81 8.77 15.39
CA TYR A 464 -18.02 7.89 14.22
C TYR A 464 -18.31 6.45 14.60
N LEU A 465 -18.90 5.71 13.66
CA LEU A 465 -18.98 4.25 13.76
C LEU A 465 -18.25 3.72 12.53
N PRO A 466 -16.94 3.48 12.66
CA PRO A 466 -16.15 3.03 11.52
C PRO A 466 -16.64 1.64 11.09
N ILE A 467 -16.72 1.41 9.80
CA ILE A 467 -17.22 0.13 9.28
C ILE A 467 -16.14 -0.67 8.57
N SER A 468 -15.55 -0.10 7.52
CA SER A 468 -14.61 -0.83 6.68
CA SER A 468 -14.56 -0.83 6.74
C SER A 468 -13.53 0.10 6.11
N TYR A 469 -12.36 -0.46 5.78
CA TYR A 469 -11.36 0.26 4.99
C TYR A 469 -11.54 -0.35 3.60
N ILE A 470 -11.85 0.50 2.62
CA ILE A 470 -12.20 -0.05 1.32
C ILE A 470 -11.06 0.05 0.33
N SER A 471 -11.12 -0.79 -0.71
CA SER A 471 -10.07 -0.88 -1.69
C SER A 471 -10.53 -0.47 -3.06
N MET A 472 -9.57 -0.16 -3.92
CA MET A 472 -9.86 0.06 -5.33
C MET A 472 -9.98 -1.32 -5.96
N MET A 473 -10.81 -1.46 -6.98
CA MET A 473 -10.90 -2.73 -7.69
C MET A 473 -10.86 -2.54 -9.18
N VAL A 474 -10.47 -3.60 -9.86
CA VAL A 474 -10.22 -3.54 -11.28
C VAL A 474 -10.78 -4.81 -11.89
N VAL A 475 -11.46 -4.66 -13.02
CA VAL A 475 -11.81 -5.80 -13.87
C VAL A 475 -11.34 -5.43 -15.26
N SER A 476 -10.61 -6.32 -15.92
CA SER A 476 -10.05 -6.01 -17.25
C SER A 476 -9.87 -7.23 -18.13
N LYS A 477 -9.88 -7.01 -19.44
CA LYS A 477 -9.48 -8.05 -20.39
C LYS A 477 -8.00 -8.33 -20.16
N PRO A 478 -7.63 -9.62 -20.12
CA PRO A 478 -6.26 -10.03 -19.81
C PRO A 478 -5.19 -9.39 -20.69
N GLU A 479 -5.52 -9.11 -21.96
CA GLU A 479 -4.54 -8.52 -22.88
C GLU A 479 -4.03 -7.15 -22.41
N LEU A 480 -4.77 -6.45 -21.56
CA LEU A 480 -4.29 -5.17 -21.04
C LEU A 480 -3.13 -5.33 -20.02
N GLY A 481 -2.97 -6.52 -19.48
CA GLY A 481 -1.90 -6.76 -18.52
C GLY A 481 -2.26 -6.23 -17.13
N ASN A 482 -1.26 -6.17 -16.25
CA ASN A 482 -1.46 -5.65 -14.90
C ASN A 482 -1.81 -4.17 -14.97
N ILE A 483 -2.81 -3.75 -14.20
CA ILE A 483 -3.19 -2.35 -14.18
C ILE A 483 -2.65 -1.68 -12.91
N PRO A 484 -1.82 -0.63 -13.08
CA PRO A 484 -1.24 0.09 -11.92
C PRO A 484 -2.30 0.91 -11.19
N TYR A 485 -2.02 1.29 -9.95
CA TYR A 485 -2.86 2.21 -9.20
C TYR A 485 -2.22 3.60 -9.16
N ALA A 486 -3.03 4.64 -9.19
CA ALA A 486 -2.50 5.99 -9.04
C ALA A 486 -2.44 6.30 -7.56
N PRO A 487 -1.37 7.00 -7.13
CA PRO A 487 -1.24 7.37 -5.72
C PRO A 487 -2.42 8.22 -5.22
N ILE A 488 -2.99 9.05 -6.08
CA ILE A 488 -4.15 9.82 -5.66
C ILE A 488 -5.40 8.98 -5.92
N ALA A 489 -6.19 8.76 -4.88
CA ALA A 489 -7.25 7.74 -4.96
C ALA A 489 -8.33 8.02 -6.02
N THR A 490 -8.51 9.29 -6.35
CA THR A 490 -9.53 9.67 -7.35
C THR A 490 -9.00 9.68 -8.78
N GLU A 491 -7.71 9.41 -8.94
CA GLU A 491 -7.13 9.41 -10.27
C GLU A 491 -7.02 7.99 -10.82
N ILE A 492 -6.95 7.90 -12.15
CA ILE A 492 -6.84 6.62 -12.83
C ILE A 492 -5.64 6.69 -13.77
N PRO A 493 -4.61 5.85 -13.54
CA PRO A 493 -3.35 6.02 -14.26
C PRO A 493 -3.36 5.43 -15.67
N PHE A 494 -4.25 5.91 -16.53
CA PHE A 494 -4.33 5.41 -17.91
C PHE A 494 -3.00 5.44 -18.64
N GLU A 495 -2.18 6.44 -18.36
CA GLU A 495 -0.93 6.62 -19.08
C GLU A 495 0.13 5.59 -18.69
N GLN A 496 -0.16 4.80 -17.64
CA GLN A 496 0.77 3.76 -17.20
C GLN A 496 0.33 2.39 -17.68
N ILE A 497 -0.80 2.33 -18.39
CA ILE A 497 -1.26 1.05 -18.89
C ILE A 497 -0.48 0.68 -20.14
N LYS A 498 0.17 -0.47 -20.10
CA LYS A 498 1.16 -0.85 -21.11
C LYS A 498 0.95 -2.31 -21.49
N PRO A 499 -0.02 -2.57 -22.38
CA PRO A 499 -0.40 -3.90 -22.86
C PRO A 499 0.77 -4.75 -23.40
N VAL A 500 1.93 -4.13 -23.59
CA VAL A 500 3.11 -4.85 -24.08
C VAL A 500 4.37 -4.49 -23.29
N PRO B 3 22.90 16.16 16.10
CA PRO B 3 21.87 17.08 15.57
C PRO B 3 21.34 16.60 14.22
N ASP B 4 22.08 16.91 13.15
CA ASP B 4 21.80 16.36 11.84
C ASP B 4 22.61 15.06 11.68
N GLU B 5 22.81 14.40 12.81
CA GLU B 5 23.33 13.05 12.82
C GLU B 5 22.23 12.16 13.37
N ILE B 6 22.16 10.94 12.86
CA ILE B 6 21.17 9.99 13.33
C ILE B 6 21.87 8.71 13.76
N THR B 7 21.36 8.11 14.83
CA THR B 7 21.83 6.81 15.26
C THR B 7 20.67 5.81 15.21
N THR B 8 20.89 4.69 14.53
CA THR B 8 19.90 3.62 14.45
C THR B 8 20.60 2.31 14.83
N ALA B 9 19.97 1.17 14.57
CA ALA B 9 20.59 -0.13 14.87
C ALA B 9 20.32 -1.17 13.78
N TRP B 10 21.12 -2.23 13.79
CA TRP B 10 20.92 -3.38 12.91
C TRP B 10 21.41 -4.62 13.64
N PRO B 11 20.81 -5.80 13.37
CA PRO B 11 21.21 -7.00 14.12
C PRO B 11 22.67 -7.45 13.90
N VAL B 12 23.26 -7.05 12.78
CA VAL B 12 24.63 -7.44 12.45
C VAL B 12 25.32 -6.27 11.76
N ASN B 13 26.65 -6.32 11.64
CA ASN B 13 27.36 -5.35 10.81
C ASN B 13 26.86 -5.43 9.38
N VAL B 14 27.11 -4.38 8.60
CA VAL B 14 26.60 -4.34 7.23
C VAL B 14 27.39 -5.23 6.28
N GLY B 15 28.61 -5.58 6.66
CA GLY B 15 29.46 -6.41 5.83
C GLY B 15 30.43 -5.57 4.99
N PRO B 16 31.17 -6.22 4.08
CA PRO B 16 32.16 -5.48 3.29
C PRO B 16 31.53 -4.59 2.21
N LEU B 17 30.24 -4.78 1.96
CA LEU B 17 29.54 -4.03 0.91
C LEU B 17 30.16 -4.27 -0.48
N ASN B 18 30.37 -5.54 -0.78
CA ASN B 18 30.58 -5.96 -2.15
C ASN B 18 29.20 -5.90 -2.80
N PRO B 19 29.03 -5.05 -3.82
CA PRO B 19 27.71 -4.89 -4.45
C PRO B 19 27.22 -6.15 -5.16
N HIS B 20 28.11 -7.10 -5.42
CA HIS B 20 27.79 -8.23 -6.28
C HIS B 20 27.65 -9.56 -5.54
N LEU B 21 27.84 -9.54 -4.23
CA LEU B 21 27.70 -10.77 -3.45
C LEU B 21 26.57 -10.70 -2.42
N TYR B 22 26.39 -11.78 -1.67
CA TYR B 22 25.24 -11.92 -0.77
C TYR B 22 25.69 -11.88 0.68
N THR B 23 25.17 -12.76 1.55
CA THR B 23 25.63 -12.76 2.93
CA THR B 23 25.63 -12.77 2.93
C THR B 23 27.15 -12.85 2.95
N PRO B 24 27.81 -12.11 3.87
CA PRO B 24 27.27 -11.27 4.95
C PRO B 24 26.87 -9.84 4.59
N ASN B 25 26.92 -9.46 3.32
CA ASN B 25 26.46 -8.12 2.94
C ASN B 25 24.99 -7.92 3.23
N GLN B 26 24.67 -6.78 3.85
CA GLN B 26 23.28 -6.44 4.13
C GLN B 26 22.72 -5.59 3.00
N MET B 27 21.58 -6.02 2.47
CA MET B 27 20.97 -5.39 1.29
C MET B 27 20.68 -3.88 1.48
N PHE B 28 20.17 -3.49 2.64
CA PHE B 28 19.86 -2.07 2.84
C PHE B 28 21.11 -1.22 2.72
N ALA B 29 22.24 -1.78 3.18
CA ALA B 29 23.51 -1.05 3.15
C ALA B 29 24.04 -0.96 1.73
N GLN B 30 23.95 -2.07 1.00
CA GLN B 30 24.33 -2.07 -0.42
C GLN B 30 23.52 -1.03 -1.20
N SER B 31 22.24 -0.91 -0.85
CA SER B 31 21.37 0.07 -1.52
C SER B 31 21.69 1.52 -1.12
N MET B 32 22.36 1.70 0.01
CA MET B 32 22.76 3.04 0.44
C MET B 32 23.93 3.54 -0.39
N VAL B 33 24.75 2.61 -0.87
CA VAL B 33 26.02 2.97 -1.47
C VAL B 33 26.03 2.79 -2.99
N TYR B 34 25.29 1.79 -3.47
CA TYR B 34 25.29 1.51 -4.90
C TYR B 34 23.94 1.84 -5.49
N GLU B 35 23.95 2.16 -6.79
CA GLU B 35 22.72 2.56 -7.48
C GLU B 35 22.54 1.79 -8.78
N PRO B 36 21.28 1.61 -9.20
CA PRO B 36 20.94 0.87 -10.42
C PRO B 36 20.75 1.79 -11.63
N LEU B 37 20.74 1.19 -12.82
CA LEU B 37 20.44 1.93 -14.05
C LEU B 37 19.07 2.61 -13.98
N VAL B 38 18.08 1.87 -13.48
CA VAL B 38 16.72 2.38 -13.32
C VAL B 38 16.20 2.09 -11.92
N LYS B 39 15.30 2.95 -11.43
CA LYS B 39 14.84 2.85 -10.04
C LYS B 39 13.39 2.42 -9.90
N TYR B 40 13.16 1.50 -8.97
CA TYR B 40 11.84 0.94 -8.77
C TYR B 40 10.94 1.94 -8.06
N GLN B 41 9.68 1.98 -8.47
CA GLN B 41 8.69 2.90 -7.93
C GLN B 41 7.54 2.17 -7.26
N ALA B 42 6.97 2.78 -6.22
CA ALA B 42 5.89 2.19 -5.47
C ALA B 42 4.75 1.67 -6.36
N ASP B 43 4.51 2.33 -7.48
CA ASP B 43 3.41 1.93 -8.35
C ASP B 43 3.73 0.73 -9.24
N GLY B 44 4.95 0.24 -9.14
CA GLY B 44 5.37 -0.94 -9.90
C GLY B 44 6.27 -0.60 -11.06
N SER B 45 6.32 0.67 -11.45
CA SER B 45 7.11 1.06 -12.60
C SER B 45 8.57 1.31 -12.20
N VAL B 46 9.40 1.62 -13.20
CA VAL B 46 10.74 2.16 -12.92
C VAL B 46 10.87 3.54 -13.55
N ILE B 47 11.79 4.34 -13.01
CA ILE B 47 12.12 5.62 -13.61
C ILE B 47 13.59 5.63 -13.97
N PRO B 48 13.96 6.44 -14.98
CA PRO B 48 15.38 6.60 -15.30
C PRO B 48 16.13 6.96 -14.03
N TRP B 49 17.32 6.41 -13.88
CA TRP B 49 18.17 6.71 -12.73
C TRP B 49 19.59 6.97 -13.22
N LEU B 50 20.47 5.97 -13.19
CA LEU B 50 21.81 6.15 -13.76
C LEU B 50 21.68 6.14 -15.28
N ALA B 51 20.70 5.41 -15.79
CA ALA B 51 20.35 5.49 -17.20
C ALA B 51 19.32 6.59 -17.38
N LYS B 52 19.65 7.60 -18.18
CA LYS B 52 18.77 8.75 -18.34
C LYS B 52 17.65 8.43 -19.33
N SER B 53 17.93 7.51 -20.25
CA SER B 53 16.98 7.11 -21.27
C SER B 53 17.37 5.74 -21.79
N TRP B 54 16.50 5.15 -22.59
CA TRP B 54 16.81 3.86 -23.20
C TRP B 54 15.85 3.51 -24.33
N THR B 55 16.37 2.78 -25.31
CA THR B 55 15.55 2.25 -26.38
C THR B 55 15.73 0.75 -26.42
N HIS B 56 14.87 0.07 -27.18
CA HIS B 56 14.98 -1.37 -27.33
C HIS B 56 14.56 -1.77 -28.74
N SER B 57 15.13 -2.85 -29.25
CA SER B 57 14.79 -3.34 -30.58
C SER B 57 13.33 -3.76 -30.60
N GLU B 58 12.78 -3.90 -31.80
CA GLU B 58 11.38 -4.31 -31.95
C GLU B 58 11.13 -5.68 -31.32
N ASP B 59 12.12 -6.55 -31.37
CA ASP B 59 11.99 -7.89 -30.78
C ASP B 59 12.36 -7.90 -29.29
N GLY B 60 12.55 -6.70 -28.73
CA GLY B 60 12.81 -6.55 -27.31
C GLY B 60 13.91 -7.41 -26.73
N LYS B 61 14.95 -7.68 -27.53
CA LYS B 61 16.08 -8.46 -27.05
C LYS B 61 17.31 -7.59 -26.89
N THR B 62 17.29 -6.43 -27.52
CA THR B 62 18.44 -5.54 -27.47
C THR B 62 18.05 -4.17 -26.92
N TRP B 63 18.66 -3.82 -25.80
CA TRP B 63 18.36 -2.55 -25.14
C TRP B 63 19.60 -1.67 -25.16
N THR B 64 19.39 -0.39 -25.45
CA THR B 64 20.47 0.58 -25.43
C THR B 64 20.18 1.66 -24.42
N PHE B 65 20.98 1.70 -23.36
CA PHE B 65 20.79 2.67 -22.28
C PHE B 65 21.71 3.86 -22.49
N THR B 66 21.15 5.06 -22.40
CA THR B 66 21.95 6.27 -22.45
C THR B 66 22.19 6.74 -21.02
N LEU B 67 23.42 6.55 -20.54
CA LEU B 67 23.77 6.88 -19.16
C LEU B 67 23.82 8.39 -18.95
N ARG B 68 23.49 8.82 -17.73
CA ARG B 68 23.73 10.21 -17.36
C ARG B 68 25.22 10.43 -17.52
N ASP B 69 25.61 11.68 -17.71
CA ASP B 69 27.03 12.01 -17.89
C ASP B 69 27.51 13.05 -16.89
N ASP B 70 26.91 13.04 -15.71
CA ASP B 70 27.22 14.00 -14.65
C ASP B 70 27.44 13.30 -13.31
N VAL B 71 27.60 11.98 -13.37
CA VAL B 71 27.67 11.16 -12.16
C VAL B 71 29.09 10.73 -11.87
N LYS B 72 29.50 10.78 -10.62
CA LYS B 72 30.77 10.18 -10.27
C LYS B 72 30.70 9.33 -9.00
N PHE B 73 31.55 8.30 -8.97
CA PHE B 73 31.74 7.50 -7.78
C PHE B 73 32.21 8.41 -6.65
N SER B 74 32.02 7.99 -5.41
CA SER B 74 32.30 8.87 -4.28
C SER B 74 33.77 9.30 -4.21
N ASN B 75 34.64 8.59 -4.92
CA ASN B 75 36.06 8.94 -4.95
C ASN B 75 36.42 9.93 -6.06
N GLY B 76 35.44 10.32 -6.87
CA GLY B 76 35.67 11.30 -7.92
C GLY B 76 35.66 10.74 -9.33
N GLU B 77 36.02 9.46 -9.47
CA GLU B 77 36.08 8.84 -10.79
C GLU B 77 34.71 8.83 -11.46
N PRO B 78 34.69 8.96 -12.79
CA PRO B 78 33.45 9.08 -13.57
C PRO B 78 32.67 7.78 -13.68
N PHE B 79 31.35 7.87 -13.65
CA PHE B 79 30.53 6.72 -14.04
C PHE B 79 30.29 6.81 -15.55
N ASP B 80 30.69 5.78 -16.27
CA ASP B 80 30.48 5.76 -17.71
C ASP B 80 30.11 4.36 -18.21
N ALA B 81 29.88 4.24 -19.51
CA ALA B 81 29.43 2.98 -20.08
C ALA B 81 30.42 1.86 -19.79
N GLU B 82 31.71 2.17 -19.91
CA GLU B 82 32.73 1.17 -19.66
C GLU B 82 32.73 0.69 -18.21
N ALA B 83 32.53 1.63 -17.28
CA ALA B 83 32.46 1.28 -15.86
C ALA B 83 31.26 0.37 -15.59
N ALA B 84 30.18 0.60 -16.32
CA ALA B 84 28.99 -0.23 -16.20
C ALA B 84 29.19 -1.62 -16.83
N ALA B 85 29.81 -1.65 -18.01
CA ALA B 85 30.08 -2.92 -18.68
C ALA B 85 31.01 -3.80 -17.85
N GLU B 86 32.01 -3.17 -17.24
CA GLU B 86 32.93 -3.86 -16.36
C GLU B 86 32.20 -4.55 -15.21
N ASN B 87 31.25 -3.84 -14.62
CA ASN B 87 30.47 -4.40 -13.52
C ASN B 87 29.60 -5.56 -14.00
N PHE B 88 28.88 -5.37 -15.09
CA PHE B 88 28.07 -6.46 -15.64
C PHE B 88 28.93 -7.69 -15.88
N ARG B 89 30.15 -7.49 -16.38
CA ARG B 89 31.07 -8.61 -16.61
C ARG B 89 31.43 -9.30 -15.31
N ALA B 90 31.79 -8.51 -14.31
CA ALA B 90 32.21 -9.05 -13.01
C ALA B 90 31.12 -9.93 -12.36
N VAL B 91 29.88 -9.46 -12.46
CA VAL B 91 28.74 -10.21 -11.93
C VAL B 91 28.53 -11.52 -12.71
N LEU B 92 28.52 -11.42 -14.03
CA LEU B 92 28.16 -12.56 -14.86
C LEU B 92 29.26 -13.64 -14.95
N ASP B 93 30.49 -13.26 -14.60
CA ASP B 93 31.58 -14.24 -14.46
C ASP B 93 31.33 -15.15 -13.26
N ASN B 94 30.38 -14.76 -12.43
CA ASN B 94 29.98 -15.54 -11.26
C ASN B 94 28.51 -15.88 -11.42
N ARG B 95 28.11 -16.12 -12.66
CA ARG B 95 26.71 -16.27 -13.06
C ARG B 95 25.94 -17.32 -12.26
N GLN B 96 26.60 -18.44 -11.94
CA GLN B 96 25.92 -19.54 -11.26
C GLN B 96 25.44 -19.13 -9.86
N ARG B 97 26.16 -18.22 -9.23
CA ARG B 97 25.78 -17.73 -7.91
C ARG B 97 24.47 -16.92 -7.99
N HIS B 98 24.17 -16.38 -9.18
CA HIS B 98 22.97 -15.58 -9.42
C HIS B 98 21.85 -16.33 -10.15
N ALA B 99 21.96 -17.66 -10.18
CA ALA B 99 20.98 -18.52 -10.84
C ALA B 99 19.53 -18.24 -10.43
N TRP B 100 19.32 -17.97 -9.15
CA TRP B 100 17.97 -17.71 -8.62
C TRP B 100 17.28 -16.59 -9.40
N LEU B 101 18.08 -15.67 -9.93
CA LEU B 101 17.58 -14.47 -10.58
C LEU B 101 17.64 -14.63 -12.09
N GLU B 102 16.47 -14.67 -12.74
CA GLU B 102 16.44 -15.05 -14.14
C GLU B 102 17.26 -14.15 -15.06
N LEU B 103 17.25 -12.84 -14.79
CA LEU B 103 17.98 -11.90 -15.63
C LEU B 103 19.46 -12.26 -15.78
N ALA B 104 20.02 -12.89 -14.75
CA ALA B 104 21.42 -13.29 -14.79
C ALA B 104 21.63 -14.39 -15.83
N ASN B 105 20.55 -15.07 -16.19
CA ASN B 105 20.63 -16.14 -17.17
C ASN B 105 20.25 -15.62 -18.54
N GLN B 106 19.62 -14.46 -18.57
CA GLN B 106 19.11 -13.90 -19.81
C GLN B 106 20.16 -13.10 -20.56
N ILE B 107 21.08 -12.49 -19.82
CA ILE B 107 22.04 -11.59 -20.42
C ILE B 107 23.09 -12.37 -21.20
N VAL B 108 23.16 -12.09 -22.50
CA VAL B 108 24.10 -12.78 -23.37
C VAL B 108 25.35 -11.95 -23.53
N ASP B 109 25.16 -10.65 -23.71
CA ASP B 109 26.27 -9.75 -23.99
C ASP B 109 26.01 -8.38 -23.37
N VAL B 110 27.07 -7.75 -22.87
CA VAL B 110 27.01 -6.38 -22.37
C VAL B 110 28.21 -5.61 -22.91
N LYS B 111 27.95 -4.55 -23.68
CA LYS B 111 29.01 -3.80 -24.35
C LYS B 111 28.81 -2.29 -24.27
N ALA B 112 29.89 -1.58 -23.95
CA ALA B 112 29.88 -0.12 -24.04
C ALA B 112 30.04 0.30 -25.50
N LEU B 113 29.03 0.96 -26.05
CA LEU B 113 29.14 1.48 -27.42
C LEU B 113 30.00 2.75 -27.43
N SER B 114 29.58 3.75 -26.66
CA SER B 114 30.38 4.95 -26.48
C SER B 114 30.61 5.21 -25.00
N LYS B 115 30.95 6.45 -24.65
CA LYS B 115 31.17 6.80 -23.25
C LYS B 115 29.87 6.80 -22.45
N THR B 116 28.75 6.92 -23.16
CA THR B 116 27.47 7.11 -22.50
C THR B 116 26.37 6.17 -23.01
N GLU B 117 26.75 5.22 -23.85
CA GLU B 117 25.78 4.25 -24.36
C GLU B 117 26.16 2.82 -23.99
N LEU B 118 25.20 2.11 -23.39
CA LEU B 118 25.43 0.77 -22.88
C LEU B 118 24.44 -0.17 -23.53
N GLN B 119 24.96 -1.19 -24.20
CA GLN B 119 24.10 -2.11 -24.93
C GLN B 119 24.04 -3.46 -24.25
N ILE B 120 22.82 -3.88 -23.90
CA ILE B 120 22.61 -5.18 -23.29
C ILE B 120 21.76 -6.07 -24.18
N THR B 121 22.23 -7.28 -24.44
CA THR B 121 21.48 -8.23 -25.25
C THR B 121 21.08 -9.47 -24.45
N LEU B 122 19.83 -9.91 -24.64
CA LEU B 122 19.25 -11.01 -23.88
C LEU B 122 18.92 -12.18 -24.79
N LYS B 123 18.60 -13.33 -24.19
CA LYS B 123 18.15 -14.49 -24.94
C LYS B 123 16.72 -14.25 -25.43
N SER B 124 15.79 -14.17 -24.48
CA SER B 124 14.40 -13.88 -24.80
C SER B 124 14.14 -12.41 -24.50
N ALA B 125 13.00 -11.92 -24.97
CA ALA B 125 12.52 -10.61 -24.52
C ALA B 125 12.01 -10.86 -23.12
N TYR B 126 12.71 -10.29 -22.13
CA TYR B 126 12.45 -10.59 -20.74
C TYR B 126 11.57 -9.52 -20.10
N TYR B 127 10.33 -9.89 -19.78
CA TYR B 127 9.36 -8.92 -19.27
C TYR B 127 9.77 -8.20 -17.98
N PRO B 128 10.42 -8.93 -17.04
CA PRO B 128 10.88 -8.32 -15.80
C PRO B 128 12.27 -7.69 -15.90
N PHE B 129 12.77 -7.48 -17.12
CA PHE B 129 14.11 -6.94 -17.34
C PHE B 129 14.47 -5.72 -16.49
N LEU B 130 13.66 -4.66 -16.58
CA LEU B 130 13.94 -3.42 -15.88
C LEU B 130 13.74 -3.52 -14.36
N GLN B 131 12.72 -4.27 -13.94
CA GLN B 131 12.49 -4.50 -12.52
C GLN B 131 13.69 -5.20 -11.87
N GLU B 132 14.32 -6.11 -12.60
CA GLU B 132 15.44 -6.84 -12.05
C GLU B 132 16.75 -6.04 -12.09
N LEU B 133 16.83 -5.08 -13.00
CA LEU B 133 17.95 -4.13 -12.97
C LEU B 133 17.83 -3.18 -11.78
N ALA B 134 16.61 -3.03 -11.28
CA ALA B 134 16.34 -2.07 -10.20
C ALA B 134 16.69 -2.65 -8.83
N LEU B 135 16.93 -3.96 -8.78
CA LEU B 135 17.11 -4.66 -7.50
C LEU B 135 18.37 -4.17 -6.78
N PRO B 136 18.35 -4.24 -5.43
CA PRO B 136 19.49 -3.90 -4.58
C PRO B 136 20.78 -4.58 -5.04
N ARG B 137 20.67 -5.81 -5.51
CA ARG B 137 21.81 -6.57 -5.99
C ARG B 137 21.31 -7.66 -6.95
N PRO B 138 22.17 -8.12 -7.88
CA PRO B 138 23.58 -7.77 -8.02
C PRO B 138 23.91 -6.68 -9.04
N PHE B 139 22.94 -6.16 -9.77
CA PHE B 139 23.29 -5.29 -10.90
C PHE B 139 23.48 -3.81 -10.57
N ARG B 140 24.24 -3.53 -9.52
CA ARG B 140 24.59 -2.15 -9.19
C ARG B 140 26.10 -1.96 -9.31
N PHE B 141 26.58 -0.73 -9.17
CA PHE B 141 27.88 -0.37 -9.73
C PHE B 141 28.94 0.12 -8.74
N ILE B 142 30.03 -0.63 -8.64
CA ILE B 142 31.20 -0.22 -7.88
C ILE B 142 32.26 0.29 -8.85
N ALA B 143 33.04 1.28 -8.42
CA ALA B 143 34.12 1.82 -9.23
C ALA B 143 35.07 0.70 -9.64
N PRO B 144 35.28 0.52 -10.94
CA PRO B 144 36.12 -0.58 -11.43
C PRO B 144 37.52 -0.55 -10.80
N SER B 145 38.00 0.63 -10.45
CA SER B 145 39.29 0.77 -9.77
C SER B 145 39.35 0.01 -8.45
N GLN B 146 38.20 -0.50 -7.99
CA GLN B 146 38.13 -1.22 -6.72
C GLN B 146 37.94 -2.74 -6.87
N PHE B 147 37.97 -3.21 -8.12
CA PHE B 147 37.98 -4.64 -8.41
C PHE B 147 39.28 -5.23 -7.86
N LYS B 148 39.25 -6.52 -7.52
CA LYS B 148 40.48 -7.22 -7.16
C LYS B 148 40.84 -8.12 -8.32
N ASN B 149 41.98 -7.88 -8.95
CA ASN B 149 42.43 -8.68 -10.08
C ASN B 149 41.36 -8.77 -11.17
N HIS B 150 40.73 -7.62 -11.44
CA HIS B 150 39.73 -7.51 -12.50
C HIS B 150 38.46 -8.30 -12.22
N GLU B 151 38.18 -8.58 -10.95
CA GLU B 151 36.98 -9.31 -10.59
C GLU B 151 36.40 -8.74 -9.30
N THR B 152 35.13 -9.04 -9.03
CA THR B 152 34.56 -8.71 -7.73
C THR B 152 34.17 -9.98 -6.95
N MET B 153 34.12 -11.12 -7.64
CA MET B 153 33.59 -12.34 -7.03
C MET B 153 34.47 -12.89 -5.92
N ASN B 154 35.74 -12.49 -5.90
CA ASN B 154 36.67 -12.93 -4.87
C ASN B 154 36.96 -11.83 -3.84
N GLY B 155 36.21 -10.73 -3.91
CA GLY B 155 36.40 -9.63 -2.99
C GLY B 155 36.59 -8.29 -3.69
N ILE B 156 36.45 -7.20 -2.96
CA ILE B 156 36.69 -5.86 -3.49
C ILE B 156 37.69 -5.17 -2.59
N LYS B 157 38.16 -4.00 -3.01
CA LYS B 157 39.02 -3.16 -2.17
C LYS B 157 38.14 -2.27 -1.29
N ALA B 158 37.90 -1.03 -1.72
CA ALA B 158 36.97 -0.14 -1.03
C ALA B 158 35.59 -0.18 -1.70
N PRO B 159 34.53 -0.13 -0.88
CA PRO B 159 33.15 -0.17 -1.41
C PRO B 159 32.70 1.19 -1.95
N ILE B 160 33.23 1.54 -3.12
CA ILE B 160 33.06 2.87 -3.69
C ILE B 160 31.95 2.86 -4.73
N GLY B 161 30.81 3.47 -4.38
CA GLY B 161 29.67 3.50 -5.27
C GLY B 161 29.34 4.93 -5.68
N THR B 162 28.19 5.10 -6.31
CA THR B 162 27.74 6.40 -6.78
C THR B 162 26.67 6.97 -5.86
N GLY B 163 26.28 6.18 -4.87
CA GLY B 163 25.16 6.50 -4.01
C GLY B 163 25.38 7.68 -3.08
N PRO B 164 24.30 8.12 -2.42
CA PRO B 164 24.31 9.29 -1.52
C PRO B 164 24.97 9.01 -0.16
N TRP B 165 25.37 7.77 0.09
CA TRP B 165 26.04 7.42 1.34
C TRP B 165 27.40 6.74 1.13
N ILE B 166 28.31 6.99 2.06
CA ILE B 166 29.66 6.46 1.98
C ILE B 166 29.99 5.71 3.27
N LEU B 167 30.35 4.43 3.15
CA LEU B 167 30.75 3.73 4.36
C LEU B 167 32.08 4.34 4.79
N GLN B 168 32.17 4.73 6.06
CA GLN B 168 33.36 5.41 6.53
C GLN B 168 34.11 4.60 7.57
N GLU B 169 33.37 3.86 8.38
CA GLU B 169 33.95 3.13 9.49
C GLU B 169 33.12 1.89 9.87
N SER B 170 33.80 0.77 10.05
CA SER B 170 33.16 -0.47 10.50
C SER B 170 33.95 -1.10 11.63
N LYS B 171 33.28 -1.44 12.73
CA LYS B 171 33.92 -2.16 13.83
C LYS B 171 33.12 -3.40 14.18
N LEU B 172 33.75 -4.56 14.06
CA LEU B 172 33.07 -5.84 14.20
C LEU B 172 32.29 -5.99 15.51
N ASN B 173 30.99 -6.22 15.39
CA ASN B 173 30.12 -6.44 16.55
C ASN B 173 29.80 -5.17 17.32
N GLN B 174 30.15 -4.03 16.76
CA GLN B 174 29.94 -2.77 17.46
C GLN B 174 29.12 -1.79 16.64
N TYR B 175 29.60 -1.44 15.45
CA TYR B 175 28.88 -0.44 14.67
C TYR B 175 29.40 -0.29 13.25
N ASP B 176 28.61 0.38 12.42
CA ASP B 176 29.07 0.86 11.13
C ASP B 176 28.64 2.32 11.01
N VAL B 177 29.50 3.13 10.42
CA VAL B 177 29.23 4.56 10.28
C VAL B 177 29.24 4.97 8.81
N PHE B 178 28.14 5.59 8.37
CA PHE B 178 28.07 6.15 7.03
C PHE B 178 28.06 7.68 7.10
N VAL B 179 28.66 8.33 6.12
CA VAL B 179 28.54 9.77 5.99
C VAL B 179 27.94 10.11 4.63
N ARG B 180 27.23 11.23 4.59
CA ARG B 180 26.70 11.74 3.34
C ARG B 180 27.79 11.87 2.28
N ASN B 181 27.42 11.55 1.04
CA ASN B 181 28.28 11.77 -0.10
C ASN B 181 28.13 13.22 -0.55
N GLU B 182 29.20 13.99 -0.45
CA GLU B 182 29.13 15.42 -0.71
C GLU B 182 29.19 15.71 -2.21
N ASN B 183 29.57 14.71 -2.99
CA ASN B 183 29.62 14.84 -4.43
C ASN B 183 28.59 13.95 -5.14
N TYR B 184 27.46 13.75 -4.48
CA TYR B 184 26.39 12.93 -5.04
C TYR B 184 25.71 13.66 -6.20
N TRP B 185 25.54 12.95 -7.32
CA TRP B 185 24.97 13.52 -8.54
C TRP B 185 23.53 14.02 -8.37
N GLY B 186 22.81 13.48 -7.39
CA GLY B 186 21.43 13.84 -7.19
C GLY B 186 21.21 14.80 -6.04
N GLU B 187 20.06 14.71 -5.39
CA GLU B 187 19.76 15.55 -4.24
C GLU B 187 20.58 15.11 -3.04
N LYS B 188 21.08 16.08 -2.30
CA LYS B 188 21.92 15.80 -1.13
C LYS B 188 21.06 15.47 0.09
N PRO B 189 21.40 14.39 0.80
CA PRO B 189 20.68 14.04 2.02
C PRO B 189 20.77 15.17 3.05
N ALA B 190 19.70 15.42 3.78
CA ALA B 190 19.73 16.40 4.86
C ALA B 190 20.51 15.85 6.04
N ILE B 191 20.52 14.53 6.19
CA ILE B 191 21.29 13.87 7.24
C ILE B 191 22.73 13.75 6.80
N LYS B 192 23.67 14.07 7.69
CA LYS B 192 25.09 14.10 7.32
C LYS B 192 25.85 12.85 7.75
N LYS B 193 25.45 12.28 8.89
CA LYS B 193 26.05 11.03 9.38
C LYS B 193 24.98 10.07 9.90
N ILE B 194 25.20 8.78 9.65
CA ILE B 194 24.32 7.73 10.15
C ILE B 194 25.17 6.65 10.79
N THR B 195 24.93 6.41 12.07
CA THR B 195 25.66 5.37 12.81
C THR B 195 24.73 4.19 13.10
N PHE B 196 25.14 3.00 12.67
CA PHE B 196 24.40 1.77 12.98
C PHE B 196 25.06 1.06 14.14
N ASN B 197 24.35 1.00 15.27
CA ASN B 197 24.82 0.17 16.37
C ASN B 197 24.37 -1.27 16.17
N VAL B 198 25.31 -2.21 16.33
CA VAL B 198 25.01 -3.62 16.17
C VAL B 198 24.30 -4.15 17.42
N ILE B 199 23.02 -4.46 17.28
CA ILE B 199 22.19 -4.89 18.40
C ILE B 199 21.29 -6.03 17.96
N PRO B 200 21.74 -7.28 18.17
CA PRO B 200 20.99 -8.44 17.69
C PRO B 200 19.66 -8.68 18.43
N ASP B 201 19.55 -8.26 19.68
CA ASP B 201 18.36 -8.52 20.51
C ASP B 201 17.24 -7.49 20.29
N PRO B 202 16.03 -7.95 19.91
CA PRO B 202 14.92 -7.00 19.69
C PRO B 202 14.54 -6.25 20.97
N THR B 203 14.58 -6.92 22.12
CA THR B 203 14.30 -6.23 23.37
C THR B 203 15.34 -5.13 23.65
N THR B 204 16.59 -5.40 23.31
CA THR B 204 17.67 -4.43 23.52
C THR B 204 17.52 -3.25 22.55
N ARG B 205 17.12 -3.54 21.32
CA ARG B 205 16.83 -2.46 20.37
C ARG B 205 15.72 -1.56 20.92
N ALA B 206 14.71 -2.16 21.54
CA ALA B 206 13.63 -1.36 22.11
C ALA B 206 14.16 -0.46 23.22
N VAL B 207 15.04 -1.00 24.07
CA VAL B 207 15.58 -0.20 25.16
C VAL B 207 16.46 0.92 24.62
N ALA B 208 17.31 0.59 23.65
CA ALA B 208 18.18 1.59 23.04
C ALA B 208 17.37 2.77 22.47
N PHE B 209 16.24 2.46 21.86
CA PHE B 209 15.34 3.50 21.40
C PHE B 209 14.70 4.27 22.57
N GLU B 210 14.10 3.56 23.51
CA GLU B 210 13.36 4.24 24.57
C GLU B 210 14.26 5.17 25.41
N THR B 211 15.53 4.81 25.59
CA THR B 211 16.47 5.66 26.31
C THR B 211 16.98 6.85 25.49
N GLY B 212 16.68 6.86 24.19
CA GLY B 212 17.15 7.95 23.33
C GLY B 212 18.54 7.69 22.77
N ASP B 213 19.10 6.53 23.08
CA ASP B 213 20.42 6.19 22.54
C ASP B 213 20.40 6.09 21.01
N ILE B 214 19.33 5.55 20.46
CA ILE B 214 19.13 5.59 19.02
C ILE B 214 17.86 6.39 18.71
N ASP B 215 17.73 6.83 17.47
CA ASP B 215 16.71 7.81 17.10
C ASP B 215 15.63 7.20 16.25
N LEU B 216 15.92 6.03 15.67
CA LEU B 216 15.07 5.47 14.63
C LEU B 216 15.24 3.97 14.52
N LEU B 217 14.14 3.26 14.29
CA LEU B 217 14.16 1.83 13.97
C LEU B 217 13.16 1.61 12.84
N TYR B 218 13.53 0.77 11.88
CA TYR B 218 12.75 0.59 10.66
C TYR B 218 12.99 -0.85 10.20
N GLY B 219 11.93 -1.64 10.09
CA GLY B 219 12.12 -3.04 9.74
C GLY B 219 10.84 -3.83 9.78
N ASN B 220 10.95 -5.16 9.71
CA ASN B 220 9.76 -6.02 9.64
C ASN B 220 9.19 -6.38 11.02
N GLU B 221 8.42 -7.47 11.08
CA GLU B 221 7.71 -7.80 12.33
C GLU B 221 8.64 -8.19 13.48
N GLY B 222 9.91 -8.45 13.15
CA GLY B 222 10.90 -8.81 14.15
C GLY B 222 11.71 -7.62 14.67
N LEU B 223 11.37 -6.43 14.20
CA LEU B 223 12.10 -5.22 14.60
C LEU B 223 12.25 -5.06 16.11
N LEU B 224 11.14 -5.18 16.83
CA LEU B 224 11.15 -5.07 18.29
C LEU B 224 9.93 -5.84 18.80
N PRO B 225 9.89 -6.07 20.12
CA PRO B 225 8.77 -6.89 20.62
C PRO B 225 7.46 -6.19 20.35
N LEU B 226 6.44 -6.95 19.96
CA LEU B 226 5.23 -6.31 19.47
C LEU B 226 4.40 -5.69 20.59
N ASP B 227 4.48 -6.26 21.80
CA ASP B 227 3.81 -5.62 22.93
C ASP B 227 4.44 -4.27 23.24
N THR B 228 5.76 -4.19 23.15
CA THR B 228 6.44 -2.92 23.39
C THR B 228 6.01 -1.88 22.34
N PHE B 229 5.97 -2.33 21.09
CA PHE B 229 5.54 -1.48 20.00
C PHE B 229 4.15 -0.90 20.28
N ALA B 230 3.22 -1.74 20.69
CA ALA B 230 1.86 -1.30 21.00
C ALA B 230 1.88 -0.25 22.10
N ARG B 231 2.69 -0.48 23.13
CA ARG B 231 2.80 0.50 24.21
C ARG B 231 3.39 1.82 23.70
N PHE B 232 4.43 1.74 22.86
CA PHE B 232 5.02 2.94 22.25
C PHE B 232 3.97 3.73 21.48
N SER B 233 3.10 3.04 20.75
CA SER B 233 2.15 3.72 19.85
C SER B 233 1.18 4.57 20.65
N GLN B 234 1.06 4.27 21.94
CA GLN B 234 0.11 4.96 22.79
C GLN B 234 0.72 6.11 23.59
N ASN B 235 2.00 6.40 23.35
CA ASN B 235 2.72 7.40 24.14
C ASN B 235 3.32 8.47 23.25
N PRO B 236 2.86 9.73 23.42
CA PRO B 236 3.30 10.82 22.52
C PRO B 236 4.78 11.14 22.65
N ALA B 237 5.45 10.59 23.65
CA ALA B 237 6.90 10.74 23.74
C ALA B 237 7.63 10.08 22.56
N TYR B 238 6.96 9.14 21.90
CA TYR B 238 7.54 8.41 20.78
C TYR B 238 6.65 8.58 19.55
N HIS B 239 7.15 8.13 18.40
CA HIS B 239 6.32 8.06 17.19
C HIS B 239 6.38 6.62 16.67
N THR B 240 5.24 6.06 16.27
CA THR B 240 5.25 4.75 15.64
C THR B 240 4.49 4.76 14.34
N GLN B 241 4.82 3.80 13.48
CA GLN B 241 4.12 3.62 12.20
C GLN B 241 4.02 2.15 11.85
N LEU B 242 2.94 1.80 11.18
CA LEU B 242 2.77 0.44 10.66
C LEU B 242 2.31 0.59 9.21
N SER B 243 3.09 0.07 8.27
CA SER B 243 2.70 0.20 6.86
C SER B 243 1.58 -0.77 6.48
N GLN B 244 1.12 -0.66 5.24
CA GLN B 244 0.29 -1.69 4.62
CA GLN B 244 0.27 -1.70 4.70
C GLN B 244 1.17 -2.93 4.46
N PRO B 245 0.55 -4.12 4.42
CA PRO B 245 1.35 -5.36 4.32
C PRO B 245 2.31 -5.38 3.14
N ILE B 246 3.48 -5.97 3.34
CA ILE B 246 4.51 -5.99 2.31
C ILE B 246 4.81 -7.40 1.79
N GLU B 247 4.53 -8.44 2.57
CA GLU B 247 4.89 -9.79 2.17
C GLU B 247 4.27 -10.83 3.10
N THR B 248 4.39 -12.10 2.74
CA THR B 248 3.74 -13.17 3.48
C THR B 248 4.73 -13.88 4.39
N VAL B 249 4.26 -14.24 5.57
CA VAL B 249 4.98 -15.15 6.47
C VAL B 249 4.17 -16.45 6.54
N MET B 250 4.86 -17.57 6.44
CA MET B 250 4.19 -18.87 6.28
CA MET B 250 4.19 -18.87 6.28
C MET B 250 5.09 -20.01 6.72
N LEU B 251 4.52 -21.21 6.82
CA LEU B 251 5.36 -22.40 6.96
C LEU B 251 5.49 -22.99 5.56
N ALA B 252 6.64 -23.60 5.30
CA ALA B 252 6.82 -24.46 4.14
C ALA B 252 6.77 -25.90 4.62
N LEU B 253 5.95 -26.73 3.98
CA LEU B 253 5.76 -28.13 4.37
C LEU B 253 6.49 -29.03 3.36
N ASN B 254 7.23 -30.01 3.85
CA ASN B 254 8.07 -30.79 2.93
C ASN B 254 7.29 -31.92 2.28
N THR B 255 6.95 -31.76 1.00
CA THR B 255 6.10 -32.72 0.30
C THR B 255 6.85 -34.02 0.03
N ALA B 256 8.16 -34.02 0.30
CA ALA B 256 8.98 -35.21 0.09
C ALA B 256 9.44 -35.88 1.38
N LYS B 257 8.88 -35.49 2.53
CA LYS B 257 9.26 -36.13 3.78
C LYS B 257 8.03 -36.57 4.58
N ALA B 258 8.00 -37.83 4.99
CA ALA B 258 6.90 -38.32 5.84
C ALA B 258 6.82 -37.47 7.12
N PRO B 259 5.60 -37.18 7.60
CA PRO B 259 4.31 -37.50 7.01
C PRO B 259 3.74 -36.32 6.19
N THR B 260 4.49 -35.24 6.05
CA THR B 260 4.03 -34.12 5.26
C THR B 260 4.07 -34.41 3.75
N ASN B 261 4.58 -35.58 3.40
CA ASN B 261 4.54 -36.05 2.01
C ASN B 261 3.11 -36.35 1.58
N GLU B 262 2.21 -36.50 2.55
CA GLU B 262 0.82 -36.83 2.22
C GLU B 262 -0.06 -35.60 2.09
N LEU B 263 -0.73 -35.48 0.94
CA LEU B 263 -1.59 -34.33 0.68
C LEU B 263 -2.61 -34.13 1.79
N ALA B 264 -3.26 -35.21 2.20
CA ALA B 264 -4.29 -35.11 3.25
C ALA B 264 -3.71 -34.56 4.55
N VAL B 265 -2.47 -34.93 4.88
CA VAL B 265 -1.84 -34.34 6.08
C VAL B 265 -1.61 -32.84 5.91
N ARG B 266 -1.08 -32.43 4.76
CA ARG B 266 -0.87 -31.00 4.53
C ARG B 266 -2.20 -30.23 4.54
N GLU B 267 -3.25 -30.82 3.97
CA GLU B 267 -4.54 -30.17 3.98
C GLU B 267 -5.05 -30.00 5.41
N ALA B 268 -4.91 -31.04 6.22
CA ALA B 268 -5.37 -30.98 7.61
C ALA B 268 -4.60 -29.92 8.39
N LEU B 269 -3.28 -29.84 8.21
CA LEU B 269 -2.47 -28.86 8.91
C LEU B 269 -2.95 -27.46 8.55
N ASN B 270 -3.37 -27.28 7.32
CA ASN B 270 -3.84 -25.98 6.85
C ASN B 270 -5.20 -25.56 7.44
N TYR B 271 -5.89 -26.50 8.08
CA TYR B 271 -7.13 -26.16 8.79
C TYR B 271 -6.88 -26.03 10.30
N ALA B 272 -5.69 -26.41 10.76
CA ALA B 272 -5.46 -26.63 12.18
C ALA B 272 -5.11 -25.39 13.01
N VAL B 273 -4.55 -24.37 12.38
CA VAL B 273 -4.03 -23.25 13.14
C VAL B 273 -5.08 -22.16 13.26
N ASN B 274 -5.30 -21.72 14.49
CA ASN B 274 -6.17 -20.57 14.73
C ASN B 274 -5.40 -19.28 14.46
N LYS B 275 -5.41 -18.83 13.20
CA LYS B 275 -4.56 -17.71 12.78
C LYS B 275 -5.01 -16.39 13.40
N LYS B 276 -6.31 -16.13 13.40
CA LYS B 276 -6.83 -14.92 14.02
CA LYS B 276 -6.89 -14.95 14.05
C LYS B 276 -6.35 -14.80 15.47
N SER B 277 -6.40 -15.91 16.21
CA SER B 277 -5.95 -15.90 17.59
C SER B 277 -4.44 -15.72 17.69
N LEU B 278 -3.69 -16.30 16.75
N LEU B 278 -3.72 -16.44 16.82
CA LEU B 278 -2.27 -16.01 16.67
CA LEU B 278 -2.27 -16.58 16.87
C LEU B 278 -2.08 -14.51 16.43
C LEU B 278 -1.57 -15.25 16.72
N ILE B 279 -2.86 -13.95 15.53
N ILE B 279 -2.13 -14.40 15.86
CA ILE B 279 -2.68 -12.56 15.10
CA ILE B 279 -1.59 -13.07 15.67
C ILE B 279 -3.21 -11.49 16.06
C ILE B 279 -1.83 -12.24 16.93
N ASP B 280 -4.39 -11.72 16.62
N ASP B 280 -3.01 -12.40 17.54
CA ASP B 280 -5.00 -10.76 17.53
CA ASP B 280 -3.31 -11.67 18.75
C ASP B 280 -4.29 -10.72 18.88
C ASP B 280 -2.39 -12.07 19.89
N ASN B 281 -3.74 -11.85 19.29
N ASN B 281 -1.95 -13.32 19.85
CA ASN B 281 -3.13 -11.97 20.62
CA ASN B 281 -1.16 -13.92 20.91
C ASN B 281 -1.60 -11.87 20.63
C ASN B 281 0.34 -13.71 20.70
N ALA B 282 -0.91 -12.97 20.30
N ALA B 282 0.78 -13.85 19.46
CA ALA B 282 0.55 -12.97 20.27
CA ALA B 282 2.19 -13.72 19.14
C ALA B 282 1.08 -11.84 19.40
C ALA B 282 2.54 -12.34 18.58
N LEU B 283 0.45 -11.64 18.25
N LEU B 283 1.55 -11.66 17.98
CA LEU B 283 0.93 -10.64 17.29
CA LEU B 283 1.79 -10.42 17.24
C LEU B 283 0.35 -9.26 17.60
C LEU B 283 0.94 -9.19 17.60
N TYR B 284 -0.39 -9.18 18.70
N TYR B 284 -0.03 -9.34 18.50
CA TYR B 284 -1.00 -7.94 19.14
CA TYR B 284 -0.81 -8.20 19.03
C TYR B 284 -1.81 -7.26 18.04
C TYR B 284 -1.59 -7.37 17.99
N GLY B 285 -2.28 -8.04 17.07
CA GLY B 285 -3.10 -7.44 16.04
C GLY B 285 -2.39 -6.56 15.04
N THR B 286 -1.06 -6.61 15.01
CA THR B 286 -0.30 -5.72 14.16
C THR B 286 -0.12 -6.28 12.76
N GLN B 287 -0.60 -7.50 12.55
CA GLN B 287 -0.50 -8.08 11.22
CA GLN B 287 -0.48 -8.19 11.26
C GLN B 287 -1.83 -8.69 10.79
N GLN B 288 -1.91 -9.14 9.55
CA GLN B 288 -3.16 -9.65 9.00
C GLN B 288 -3.09 -11.14 8.75
N VAL B 289 -4.22 -11.82 8.91
CA VAL B 289 -4.29 -13.26 8.64
C VAL B 289 -4.07 -13.52 7.14
N ALA B 290 -3.21 -14.50 6.80
CA ALA B 290 -3.02 -14.90 5.40
C ALA B 290 -3.70 -16.23 5.09
N ASP B 291 -4.42 -16.29 3.97
CA ASP B 291 -5.06 -17.52 3.50
C ASP B 291 -4.30 -18.13 2.33
N THR B 292 -3.49 -17.31 1.65
CA THR B 292 -2.84 -17.73 0.40
C THR B 292 -1.37 -17.33 0.39
N LEU B 293 -0.55 -18.05 -0.38
CA LEU B 293 0.87 -17.72 -0.52
C LEU B 293 1.09 -16.22 -0.77
N PHE B 294 0.42 -15.68 -1.77
CA PHE B 294 0.41 -14.24 -2.02
C PHE B 294 -0.94 -13.60 -1.67
N ALA B 295 -0.91 -12.44 -1.04
CA ALA B 295 -2.14 -11.70 -0.75
C ALA B 295 -2.82 -11.37 -2.08
N PRO B 296 -4.16 -11.30 -2.07
CA PRO B 296 -4.94 -10.97 -3.28
C PRO B 296 -4.53 -9.64 -3.92
N SER B 297 -3.89 -8.77 -3.14
CA SER B 297 -3.46 -7.46 -3.65
C SER B 297 -2.16 -7.53 -4.46
N VAL B 298 -1.49 -8.68 -4.43
CA VAL B 298 -0.24 -8.86 -5.15
C VAL B 298 -0.52 -9.01 -6.65
N PRO B 299 0.34 -8.44 -7.52
CA PRO B 299 0.13 -8.56 -8.97
C PRO B 299 -0.05 -10.02 -9.42
N TYR B 300 -1.05 -10.25 -10.27
CA TYR B 300 -1.35 -11.57 -10.83
C TYR B 300 -1.97 -12.56 -9.86
N ALA B 301 -2.22 -12.14 -8.62
CA ALA B 301 -2.60 -13.07 -7.57
C ALA B 301 -4.05 -12.99 -7.07
N ASN B 302 -4.87 -12.12 -7.67
CA ASN B 302 -6.27 -12.04 -7.25
C ASN B 302 -7.04 -13.14 -7.96
N LEU B 303 -6.94 -14.36 -7.43
CA LEU B 303 -7.43 -15.54 -8.15
C LEU B 303 -8.66 -16.18 -7.53
N GLY B 304 -9.18 -15.62 -6.45
CA GLY B 304 -10.37 -16.17 -5.80
C GLY B 304 -10.08 -17.58 -5.26
N LEU B 305 -8.84 -17.83 -4.85
CA LEU B 305 -8.49 -19.13 -4.26
C LEU B 305 -9.27 -19.35 -2.97
N LYS B 306 -9.69 -20.58 -2.75
CA LYS B 306 -10.49 -20.93 -1.57
C LYS B 306 -9.65 -20.97 -0.31
N PRO B 307 -10.01 -20.17 0.71
CA PRO B 307 -9.26 -20.22 1.97
C PRO B 307 -9.55 -21.50 2.77
N SER B 308 -8.56 -21.94 3.53
CA SER B 308 -8.72 -22.98 4.53
C SER B 308 -8.80 -22.28 5.89
N GLN B 309 -10.02 -22.09 6.36
CA GLN B 309 -10.27 -21.41 7.63
CA GLN B 309 -10.27 -21.41 7.63
C GLN B 309 -10.02 -22.36 8.80
N TYR B 310 -9.70 -21.80 9.96
CA TYR B 310 -9.52 -22.58 11.18
C TYR B 310 -10.74 -23.49 11.39
N ASP B 311 -10.54 -24.79 11.20
CA ASP B 311 -11.62 -25.74 11.39
C ASP B 311 -11.06 -27.10 11.79
N PRO B 312 -10.85 -27.29 13.09
CA PRO B 312 -10.22 -28.53 13.54
C PRO B 312 -11.06 -29.76 13.24
N GLN B 313 -12.38 -29.59 13.11
CA GLN B 313 -13.25 -30.71 12.79
C GLN B 313 -13.02 -31.16 11.36
N LYS B 314 -12.89 -30.21 10.43
CA LYS B 314 -12.45 -30.58 9.08
C LYS B 314 -11.08 -31.27 9.11
N ALA B 315 -10.12 -30.70 9.85
CA ALA B 315 -8.77 -31.28 9.93
C ALA B 315 -8.78 -32.73 10.40
N LYS B 316 -9.48 -32.98 11.50
CA LYS B 316 -9.58 -34.34 12.05
C LYS B 316 -10.23 -35.32 11.08
N ALA B 317 -11.27 -34.88 10.38
CA ALA B 317 -11.96 -35.75 9.43
C ALA B 317 -11.06 -36.11 8.24
N LEU B 318 -10.30 -35.13 7.73
CA LEU B 318 -9.35 -35.38 6.66
C LEU B 318 -8.32 -36.43 7.05
N LEU B 319 -7.78 -36.32 8.25
CA LEU B 319 -6.77 -37.26 8.74
C LEU B 319 -7.37 -38.66 8.89
N GLU B 320 -8.54 -38.75 9.51
CA GLU B 320 -9.20 -40.04 9.66
C GLU B 320 -9.39 -40.73 8.30
N LYS B 321 -9.80 -39.95 7.31
CA LYS B 321 -10.11 -40.51 5.99
C LYS B 321 -8.83 -41.04 5.35
N ALA B 322 -7.71 -40.39 5.67
CA ALA B 322 -6.40 -40.79 5.17
C ALA B 322 -5.79 -41.92 6.00
N GLY B 323 -6.51 -42.36 7.03
CA GLY B 323 -6.04 -43.47 7.85
C GLY B 323 -5.16 -43.08 9.03
N TRP B 324 -5.12 -41.80 9.37
CA TRP B 324 -4.42 -41.35 10.57
C TRP B 324 -5.39 -41.35 11.74
N THR B 325 -5.30 -42.40 12.55
CA THR B 325 -6.28 -42.63 13.58
CA THR B 325 -6.29 -42.66 13.58
C THR B 325 -5.69 -42.66 15.00
N LEU B 326 -6.53 -42.42 15.99
CA LEU B 326 -6.11 -42.40 17.39
C LEU B 326 -6.26 -43.77 18.05
N PRO B 327 -5.14 -44.46 18.27
CA PRO B 327 -5.29 -45.63 19.16
C PRO B 327 -5.75 -45.12 20.52
N ALA B 328 -6.53 -45.91 21.24
CA ALA B 328 -6.99 -45.50 22.56
C ALA B 328 -5.93 -45.82 23.61
N GLY B 329 -5.81 -44.95 24.63
CA GLY B 329 -6.55 -43.70 24.67
C GLY B 329 -5.56 -42.58 24.38
N LYS B 330 -4.74 -42.80 23.37
CA LYS B 330 -3.68 -41.88 22.98
C LYS B 330 -4.23 -40.61 22.32
N ASP B 331 -3.44 -39.53 22.35
CA ASP B 331 -3.87 -38.27 21.73
C ASP B 331 -3.14 -37.95 20.43
N ILE B 332 -2.18 -38.79 20.05
CA ILE B 332 -1.44 -38.58 18.81
C ILE B 332 -1.74 -39.69 17.79
N ARG B 333 -2.16 -39.29 16.59
CA ARG B 333 -2.56 -40.23 15.55
C ARG B 333 -1.42 -41.12 15.06
N GLU B 334 -1.80 -42.25 14.47
CA GLU B 334 -0.87 -43.23 13.92
C GLU B 334 -1.38 -43.84 12.63
N LYS B 335 -0.45 -44.17 11.73
CA LYS B 335 -0.78 -44.81 10.47
C LYS B 335 0.34 -45.78 10.10
N ASN B 336 -0.03 -47.00 9.76
CA ASN B 336 0.93 -48.05 9.44
C ASN B 336 2.11 -48.12 10.41
N GLY B 337 1.83 -47.97 11.70
CA GLY B 337 2.85 -48.10 12.72
C GLY B 337 3.73 -46.89 12.95
N GLN B 338 3.41 -45.77 12.32
CA GLN B 338 4.15 -44.53 12.52
C GLN B 338 3.25 -43.48 13.17
N PRO B 339 3.81 -42.71 14.12
CA PRO B 339 3.03 -41.63 14.75
C PRO B 339 2.98 -40.39 13.85
N LEU B 340 1.94 -39.58 13.99
CA LEU B 340 1.84 -38.34 13.22
C LEU B 340 2.71 -37.29 13.90
N ARG B 341 4.02 -37.39 13.66
CA ARG B 341 4.99 -36.51 14.31
C ARG B 341 5.70 -35.72 13.23
N ILE B 342 5.78 -34.40 13.43
CA ILE B 342 6.31 -33.52 12.40
C ILE B 342 7.30 -32.54 13.01
N GLU B 343 8.51 -32.50 12.45
CA GLU B 343 9.53 -31.60 12.99
C GLU B 343 9.37 -30.19 12.47
N LEU B 344 9.35 -29.24 13.40
CA LEU B 344 9.30 -27.83 13.05
C LEU B 344 10.62 -27.24 13.48
N SER B 345 11.46 -26.94 12.49
CA SER B 345 12.80 -26.46 12.80
C SER B 345 12.78 -24.95 12.65
N PHE B 346 13.39 -24.26 13.60
CA PHE B 346 13.37 -22.81 13.62
C PHE B 346 14.60 -22.29 14.35
N ILE B 347 14.86 -20.99 14.23
CA ILE B 347 16.00 -20.36 14.89
C ILE B 347 15.71 -20.24 16.38
N GLY B 348 16.43 -21.02 17.18
CA GLY B 348 16.05 -21.22 18.57
C GLY B 348 16.08 -19.96 19.40
N THR B 349 16.91 -19.00 18.99
CA THR B 349 17.10 -17.77 19.74
C THR B 349 16.13 -16.66 19.30
N ASP B 350 15.45 -16.86 18.19
CA ASP B 350 14.45 -15.92 17.71
C ASP B 350 13.17 -16.07 18.55
N ALA B 351 12.93 -15.13 19.46
CA ALA B 351 11.82 -15.26 20.41
C ALA B 351 10.48 -15.32 19.68
N LEU B 352 10.35 -14.55 18.62
CA LEU B 352 9.08 -14.47 17.93
C LEU B 352 8.79 -15.76 17.19
N SER B 353 9.81 -16.32 16.56
CA SER B 353 9.64 -17.61 15.88
C SER B 353 9.29 -18.66 16.92
N LYS B 354 10.05 -18.67 18.02
CA LYS B 354 9.78 -19.61 19.10
C LYS B 354 8.34 -19.52 19.59
N SER B 355 7.83 -18.31 19.77
CA SER B 355 6.46 -18.16 20.30
C SER B 355 5.39 -18.61 19.30
N MET B 356 5.61 -18.30 18.02
CA MET B 356 4.66 -18.77 17.01
C MET B 356 4.70 -20.30 16.93
N ALA B 357 5.91 -20.86 17.07
CA ALA B 357 6.09 -22.32 17.00
C ALA B 357 5.36 -23.01 18.14
N GLU B 358 5.43 -22.44 19.33
CA GLU B 358 4.71 -22.99 20.47
C GLU B 358 3.20 -23.01 20.23
N ILE B 359 2.69 -21.91 19.68
CA ILE B 359 1.26 -21.79 19.46
C ILE B 359 0.83 -22.77 18.38
N ILE B 360 1.61 -22.83 17.31
CA ILE B 360 1.34 -23.78 16.23
C ILE B 360 1.39 -25.21 16.75
N GLN B 361 2.38 -25.52 17.58
CA GLN B 361 2.48 -26.84 18.17
C GLN B 361 1.20 -27.19 18.94
N ALA B 362 0.73 -26.25 19.76
CA ALA B 362 -0.46 -26.46 20.58
C ALA B 362 -1.71 -26.66 19.73
N ASP B 363 -1.87 -25.82 18.71
CA ASP B 363 -3.03 -25.96 17.82
C ASP B 363 -3.03 -27.33 17.14
N MET B 364 -1.87 -27.73 16.63
CA MET B 364 -1.79 -29.00 15.90
C MET B 364 -1.97 -30.21 16.82
N ARG B 365 -1.63 -30.04 18.10
CA ARG B 365 -1.87 -31.11 19.07
C ARG B 365 -3.37 -31.38 19.18
N GLN B 366 -4.17 -30.34 19.02
CA GLN B 366 -5.62 -30.48 19.14
C GLN B 366 -6.25 -31.34 18.05
N ILE B 367 -5.54 -31.56 16.95
CA ILE B 367 -6.03 -32.45 15.89
C ILE B 367 -5.26 -33.75 15.81
N GLY B 368 -4.42 -34.00 16.83
CA GLY B 368 -3.72 -35.27 16.93
C GLY B 368 -2.36 -35.33 16.23
N ALA B 369 -1.79 -34.17 15.95
CA ALA B 369 -0.47 -34.10 15.33
C ALA B 369 0.58 -33.60 16.32
N ASP B 370 1.66 -34.37 16.45
CA ASP B 370 2.69 -34.10 17.43
C ASP B 370 3.83 -33.35 16.76
N VAL B 371 3.86 -32.03 16.96
CA VAL B 371 4.90 -31.20 16.36
C VAL B 371 6.14 -31.17 17.28
N SER B 372 7.29 -31.52 16.72
CA SER B 372 8.54 -31.44 17.47
C SER B 372 9.18 -30.07 17.25
N LEU B 373 9.41 -29.33 18.33
CA LEU B 373 10.04 -28.01 18.23
C LEU B 373 11.56 -28.16 18.19
N ILE B 374 12.14 -27.99 17.02
CA ILE B 374 13.58 -28.17 16.85
C ILE B 374 14.24 -26.80 16.71
N GLY B 375 14.65 -26.25 17.84
CA GLY B 375 15.33 -24.97 17.83
C GLY B 375 16.82 -25.16 17.66
N GLU B 376 17.38 -24.48 16.68
CA GLU B 376 18.79 -24.62 16.35
C GLU B 376 19.38 -23.28 16.01
N GLU B 377 20.71 -23.23 15.95
CA GLU B 377 21.40 -22.01 15.56
C GLU B 377 21.01 -21.65 14.13
N GLU B 378 21.04 -20.35 13.83
CA GLU B 378 20.65 -19.85 12.52
C GLU B 378 21.31 -20.62 11.38
N SER B 379 22.57 -20.98 11.54
CA SER B 379 23.33 -21.60 10.45
C SER B 379 22.85 -23.01 10.14
N SER B 380 22.50 -23.76 11.17
N SER B 380 22.50 -23.76 11.17
CA SER B 380 22.00 -25.11 11.00
CA SER B 380 21.99 -25.11 10.99
C SER B 380 20.63 -25.11 10.31
C SER B 380 20.65 -25.09 10.27
N ILE B 381 19.89 -24.02 10.49
CA ILE B 381 18.58 -23.87 9.87
C ILE B 381 18.70 -23.61 8.37
N TYR B 382 19.53 -22.64 8.01
CA TYR B 382 19.75 -22.31 6.60
C TYR B 382 20.30 -23.52 5.85
N ALA B 383 21.16 -24.28 6.51
CA ALA B 383 21.64 -25.54 5.95
C ALA B 383 20.47 -26.50 5.69
N ARG B 384 19.59 -26.64 6.68
CA ARG B 384 18.39 -27.47 6.51
C ARG B 384 17.54 -27.03 5.31
N GLN B 385 17.30 -25.73 5.21
CA GLN B 385 16.53 -25.16 4.10
C GLN B 385 17.12 -25.56 2.74
N ARG B 386 18.44 -25.65 2.67
CA ARG B 386 19.12 -25.97 1.41
C ARG B 386 19.10 -27.45 1.09
N ASP B 387 19.32 -28.29 2.11
CA ASP B 387 19.40 -29.73 1.90
C ASP B 387 18.03 -30.39 1.93
N GLY B 388 16.99 -29.63 2.26
CA GLY B 388 15.67 -30.22 2.39
C GLY B 388 15.55 -31.09 3.62
N ARG B 389 16.36 -30.79 4.63
CA ARG B 389 16.34 -31.55 5.87
C ARG B 389 15.37 -30.90 6.86
N PHE B 390 14.08 -30.95 6.54
CA PHE B 390 13.07 -30.39 7.43
C PHE B 390 11.70 -30.99 7.15
N GLY B 391 10.83 -30.96 8.14
CA GLY B 391 9.43 -31.33 7.97
C GLY B 391 8.60 -30.10 7.69
N MET B 392 8.68 -29.14 8.61
CA MET B 392 8.09 -27.81 8.42
C MET B 392 9.13 -26.78 8.84
N ILE B 393 9.09 -25.62 8.21
CA ILE B 393 10.05 -24.55 8.50
CA ILE B 393 10.07 -24.57 8.46
C ILE B 393 9.39 -23.21 8.28
N PHE B 394 9.78 -22.21 9.06
CA PHE B 394 9.23 -20.86 8.83
C PHE B 394 9.80 -20.34 7.52
N HIS B 395 9.01 -19.56 6.80
CA HIS B 395 9.49 -19.05 5.52
C HIS B 395 8.73 -17.76 5.27
N ARG B 396 9.12 -17.01 4.25
CA ARG B 396 8.46 -15.74 3.97
C ARG B 396 8.68 -15.39 2.51
N THR B 397 7.76 -14.62 1.93
CA THR B 397 8.00 -14.12 0.58
C THR B 397 8.87 -12.87 0.73
N TRP B 398 9.14 -12.20 -0.38
CA TRP B 398 10.26 -11.25 -0.46
C TRP B 398 9.86 -9.77 -0.62
N GLY B 399 8.57 -9.52 -0.83
CA GLY B 399 8.05 -8.16 -1.01
C GLY B 399 8.32 -7.59 -2.40
N ALA B 400 7.85 -6.37 -2.65
CA ALA B 400 8.13 -5.72 -3.94
C ALA B 400 9.61 -5.42 -4.09
N PRO B 401 10.14 -5.54 -5.33
CA PRO B 401 9.46 -5.95 -6.55
C PRO B 401 9.63 -7.45 -6.84
N TYR B 402 10.00 -8.23 -5.82
CA TYR B 402 10.24 -9.65 -6.01
C TYR B 402 8.97 -10.49 -6.17
N ASP B 403 7.89 -10.11 -5.49
CA ASP B 403 6.67 -10.92 -5.46
C ASP B 403 5.71 -10.52 -6.59
N PRO B 404 5.23 -11.49 -7.37
CA PRO B 404 5.46 -12.92 -7.23
C PRO B 404 6.53 -13.45 -8.18
N HIS B 405 6.91 -12.67 -9.20
CA HIS B 405 7.68 -13.22 -10.30
C HIS B 405 9.03 -13.84 -9.89
N ALA B 406 9.81 -13.13 -9.07
CA ALA B 406 11.14 -13.62 -8.68
C ALA B 406 11.05 -14.72 -7.63
N PHE B 407 10.07 -14.63 -6.73
CA PHE B 407 9.88 -15.71 -5.75
C PHE B 407 9.60 -17.01 -6.51
N LEU B 408 8.73 -16.90 -7.51
CA LEU B 408 8.42 -18.07 -8.36
C LEU B 408 9.64 -18.55 -9.13
N SER B 409 10.36 -17.62 -9.75
CA SER B 409 11.56 -17.96 -10.52
C SER B 409 12.53 -18.81 -9.71
N SER B 410 12.72 -18.43 -8.44
CA SER B 410 13.70 -19.09 -7.59
CA SER B 410 13.70 -19.09 -7.59
C SER B 410 13.29 -20.50 -7.16
N MET B 411 12.00 -20.80 -7.24
CA MET B 411 11.52 -22.15 -6.90
C MET B 411 12.14 -23.24 -7.77
N ARG B 412 12.79 -22.84 -8.85
CA ARG B 412 13.36 -23.78 -9.81
C ARG B 412 14.80 -24.17 -9.47
N VAL B 413 15.41 -23.42 -8.57
CA VAL B 413 16.83 -23.58 -8.22
C VAL B 413 17.00 -24.57 -7.06
N PRO B 414 17.86 -25.58 -7.25
CA PRO B 414 17.95 -26.79 -6.44
C PRO B 414 18.15 -26.61 -4.93
N SER B 415 19.05 -25.74 -4.51
CA SER B 415 19.39 -25.71 -3.09
C SER B 415 18.72 -24.61 -2.29
N HIS B 416 17.43 -24.40 -2.52
CA HIS B 416 16.67 -23.45 -1.72
C HIS B 416 15.44 -24.12 -1.12
N ALA B 417 14.82 -23.47 -0.14
CA ALA B 417 13.74 -24.10 0.62
C ALA B 417 12.51 -24.49 -0.21
N ASP B 418 12.07 -23.58 -1.09
CA ASP B 418 10.88 -23.84 -1.88
C ASP B 418 11.09 -25.00 -2.83
N PHE B 419 12.25 -25.02 -3.48
CA PHE B 419 12.56 -26.11 -4.38
C PHE B 419 12.48 -27.43 -3.61
N GLN B 420 13.14 -27.47 -2.47
CA GLN B 420 13.17 -28.67 -1.64
C GLN B 420 11.77 -29.08 -1.18
N ALA B 421 11.00 -28.11 -0.71
CA ALA B 421 9.65 -28.38 -0.20
C ALA B 421 8.73 -28.99 -1.25
N GLN B 422 8.97 -28.63 -2.51
CA GLN B 422 8.10 -29.02 -3.61
C GLN B 422 8.49 -30.32 -4.29
N GLN B 423 9.61 -30.90 -3.88
CA GLN B 423 10.17 -32.08 -4.57
C GLN B 423 9.25 -33.30 -4.58
N GLY B 424 8.35 -33.41 -3.60
CA GLY B 424 7.44 -34.54 -3.55
C GLY B 424 6.23 -34.42 -4.47
N LEU B 425 6.07 -33.27 -5.12
CA LEU B 425 4.94 -33.06 -6.03
C LEU B 425 5.13 -33.72 -7.39
N ALA B 426 4.16 -34.55 -7.77
CA ALA B 426 4.14 -35.15 -9.10
C ALA B 426 4.23 -34.09 -10.20
N ASP B 427 3.58 -32.96 -9.98
CA ASP B 427 3.56 -31.92 -11.00
CA ASP B 427 3.55 -31.90 -10.97
C ASP B 427 4.69 -30.90 -10.83
N LYS B 428 5.67 -31.20 -9.99
CA LYS B 428 6.80 -30.27 -9.81
C LYS B 428 7.49 -29.94 -11.14
N PRO B 429 7.72 -30.95 -11.98
CA PRO B 429 8.31 -30.68 -13.31
C PRO B 429 7.48 -29.70 -14.12
N LEU B 430 6.17 -29.94 -14.18
CA LEU B 430 5.26 -29.08 -14.93
C LEU B 430 5.21 -27.65 -14.37
N ILE B 431 5.22 -27.52 -13.04
CA ILE B 431 5.24 -26.21 -12.40
C ILE B 431 6.50 -25.44 -12.79
N ASP B 432 7.65 -26.12 -12.70
CA ASP B 432 8.91 -25.48 -13.06
C ASP B 432 8.93 -25.07 -14.54
N LYS B 433 8.35 -25.89 -15.41
CA LYS B 433 8.29 -25.53 -16.83
C LYS B 433 7.47 -24.26 -17.03
N GLU B 434 6.30 -24.21 -16.41
CA GLU B 434 5.42 -23.05 -16.53
C GLU B 434 6.04 -21.79 -15.96
N ILE B 435 6.77 -21.92 -14.85
CA ILE B 435 7.47 -20.77 -14.30
C ILE B 435 8.41 -20.21 -15.37
N GLY B 436 9.13 -21.10 -16.04
CA GLY B 436 9.98 -20.72 -17.15
C GLY B 436 9.19 -19.94 -18.19
N GLU B 437 8.05 -20.48 -18.60
CA GLU B 437 7.24 -19.89 -19.65
C GLU B 437 6.67 -18.53 -19.27
N VAL B 438 6.23 -18.39 -18.02
CA VAL B 438 5.59 -17.16 -17.59
C VAL B 438 6.58 -15.99 -17.61
N LEU B 439 7.85 -16.28 -17.35
CA LEU B 439 8.89 -15.25 -17.32
C LEU B 439 9.27 -14.77 -18.71
N ALA B 440 9.07 -15.61 -19.72
CA ALA B 440 9.53 -15.29 -21.06
C ALA B 440 8.39 -14.95 -22.02
N THR B 441 7.17 -15.19 -21.60
CA THR B 441 6.03 -15.00 -22.51
C THR B 441 5.71 -13.52 -22.65
N HIS B 442 5.29 -13.11 -23.85
CA HIS B 442 4.88 -11.73 -24.06
C HIS B 442 3.40 -11.63 -24.40
N ASP B 443 2.73 -12.77 -24.37
CA ASP B 443 1.28 -12.83 -24.43
C ASP B 443 0.75 -12.56 -23.02
N GLU B 444 0.21 -11.36 -22.77
CA GLU B 444 -0.27 -11.03 -21.42
C GLU B 444 -1.36 -12.01 -20.97
N THR B 445 -2.16 -12.48 -21.92
CA THR B 445 -3.24 -13.41 -21.60
C THR B 445 -2.64 -14.71 -21.06
N GLN B 446 -1.67 -15.23 -21.79
CA GLN B 446 -1.00 -16.46 -21.40
C GLN B 446 -0.22 -16.26 -20.09
N ARG B 447 0.37 -15.07 -19.91
CA ARG B 447 1.05 -14.77 -18.65
C ARG B 447 0.14 -14.94 -17.43
N GLN B 448 -1.04 -14.34 -17.49
CA GLN B 448 -2.01 -14.42 -16.40
C GLN B 448 -2.48 -15.86 -16.19
N ALA B 449 -2.76 -16.56 -17.28
CA ALA B 449 -3.15 -17.97 -17.21
C ALA B 449 -2.10 -18.83 -16.51
N LEU B 450 -0.83 -18.62 -16.83
CA LEU B 450 0.23 -19.40 -16.21
C LEU B 450 0.37 -19.10 -14.72
N TYR B 451 0.31 -17.82 -14.38
CA TYR B 451 0.36 -17.44 -12.97
C TYR B 451 -0.79 -18.07 -12.22
N ARG B 452 -1.98 -18.05 -12.81
CA ARG B 452 -3.12 -18.70 -12.17
C ARG B 452 -2.81 -20.18 -11.97
N ASP B 453 -2.36 -20.86 -13.02
CA ASP B 453 -2.12 -22.30 -12.89
C ASP B 453 -1.05 -22.62 -11.85
N ILE B 454 0.02 -21.83 -11.81
CA ILE B 454 1.11 -22.11 -10.88
C ILE B 454 0.67 -21.90 -9.45
N LEU B 455 0.08 -20.73 -9.18
CA LEU B 455 -0.35 -20.40 -7.81
C LEU B 455 -1.47 -21.32 -7.36
N THR B 456 -2.34 -21.71 -8.29
CA THR B 456 -3.46 -22.58 -7.94
C THR B 456 -2.96 -23.99 -7.55
N ARG B 457 -2.04 -24.54 -8.31
CA ARG B 457 -1.43 -25.83 -8.00
CA ARG B 457 -1.45 -25.84 -7.98
C ARG B 457 -0.76 -25.79 -6.63
N LEU B 458 0.05 -24.76 -6.40
CA LEU B 458 0.74 -24.66 -5.12
C LEU B 458 -0.24 -24.54 -3.94
N HIS B 459 -1.35 -23.85 -4.18
CA HIS B 459 -2.42 -23.70 -3.18
C HIS B 459 -3.13 -25.02 -2.90
N ASP B 460 -3.62 -25.66 -3.95
CA ASP B 460 -4.36 -26.92 -3.83
C ASP B 460 -3.51 -28.06 -3.26
N GLU B 461 -2.23 -28.06 -3.59
CA GLU B 461 -1.32 -29.10 -3.09
C GLU B 461 -0.84 -28.80 -1.66
N ALA B 462 -1.31 -27.68 -1.09
CA ALA B 462 -0.99 -27.34 0.30
C ALA B 462 0.50 -27.39 0.62
N VAL B 463 1.35 -26.90 -0.28
CA VAL B 463 2.79 -26.87 -0.03
C VAL B 463 3.08 -25.92 1.13
N TYR B 464 2.30 -24.86 1.23
CA TYR B 464 2.51 -23.86 2.26
C TYR B 464 1.42 -23.87 3.32
N LEU B 465 1.75 -23.29 4.47
CA LEU B 465 0.73 -22.94 5.47
C LEU B 465 0.86 -21.43 5.72
N PRO B 466 0.10 -20.62 4.96
CA PRO B 466 0.23 -19.16 5.13
C PRO B 466 -0.21 -18.74 6.52
N ILE B 467 0.50 -17.82 7.14
CA ILE B 467 0.15 -17.43 8.50
C ILE B 467 -0.35 -16.00 8.51
N SER B 468 0.46 -15.09 8.00
CA SER B 468 0.08 -13.69 8.05
CA SER B 468 0.14 -13.67 8.10
C SER B 468 0.72 -12.86 6.95
N TYR B 469 0.12 -11.71 6.65
CA TYR B 469 0.73 -10.74 5.75
C TYR B 469 1.30 -9.67 6.66
N ILE B 470 2.60 -9.48 6.61
CA ILE B 470 3.22 -8.62 7.61
C ILE B 470 3.53 -7.25 7.03
N SER B 471 3.72 -6.27 7.92
CA SER B 471 3.99 -4.89 7.54
C SER B 471 5.38 -4.43 7.94
N MET B 472 5.82 -3.33 7.35
CA MET B 472 7.00 -2.61 7.84
C MET B 472 6.58 -1.86 9.11
N MET B 473 7.46 -1.80 10.09
CA MET B 473 7.16 -1.09 11.33
C MET B 473 8.21 -0.02 11.50
N VAL B 474 7.83 1.12 12.06
CA VAL B 474 8.77 2.20 12.32
C VAL B 474 8.60 2.70 13.74
N VAL B 475 9.71 3.00 14.39
CA VAL B 475 9.67 3.65 15.70
C VAL B 475 10.71 4.75 15.63
N SER B 476 10.34 5.98 15.97
CA SER B 476 11.24 7.12 15.78
C SER B 476 11.03 8.22 16.80
N LYS B 477 12.06 9.03 17.04
CA LYS B 477 11.91 10.25 17.82
C LYS B 477 10.95 11.16 17.08
N PRO B 478 9.95 11.71 17.80
CA PRO B 478 8.91 12.53 17.17
C PRO B 478 9.47 13.70 16.36
N GLU B 479 10.60 14.26 16.81
CA GLU B 479 11.19 15.38 16.08
C GLU B 479 11.58 15.04 14.64
N LEU B 480 11.73 13.74 14.32
CA LEU B 480 12.06 13.34 12.95
C LEU B 480 10.85 13.42 12.00
N GLY B 481 9.66 13.53 12.56
CA GLY B 481 8.46 13.62 11.72
C GLY B 481 8.03 12.28 11.16
N ASN B 482 7.10 12.34 10.21
CA ASN B 482 6.65 11.14 9.50
C ASN B 482 7.80 10.49 8.69
N ILE B 483 7.92 9.16 8.78
CA ILE B 483 8.99 8.46 8.07
C ILE B 483 8.42 7.77 6.84
N PRO B 484 8.93 8.11 5.64
CA PRO B 484 8.48 7.51 4.37
C PRO B 484 8.93 6.05 4.25
N TYR B 485 8.22 5.26 3.46
CA TYR B 485 8.65 3.90 3.14
C TYR B 485 9.32 3.86 1.77
N ALA B 486 10.46 3.18 1.69
CA ALA B 486 11.05 2.91 0.40
C ALA B 486 10.21 1.83 -0.29
N PRO B 487 10.01 1.94 -1.60
CA PRO B 487 9.18 1.00 -2.36
C PRO B 487 9.75 -0.42 -2.33
N ILE B 488 11.08 -0.54 -2.36
CA ILE B 488 11.70 -1.86 -2.24
C ILE B 488 11.75 -2.24 -0.78
N ALA B 489 11.18 -3.40 -0.44
CA ALA B 489 10.94 -3.77 0.95
C ALA B 489 12.22 -3.93 1.77
N THR B 490 13.31 -4.30 1.11
CA THR B 490 14.61 -4.42 1.76
C THR B 490 15.38 -3.11 1.86
N GLU B 491 14.84 -2.03 1.31
CA GLU B 491 15.53 -0.75 1.39
C GLU B 491 14.97 0.14 2.50
N ILE B 492 15.82 1.07 2.98
CA ILE B 492 15.43 2.04 4.00
C ILE B 492 15.77 3.44 3.46
N PRO B 493 14.76 4.32 3.40
CA PRO B 493 14.90 5.63 2.74
C PRO B 493 15.61 6.69 3.60
N PHE B 494 16.86 6.41 3.99
CA PHE B 494 17.60 7.33 4.85
C PHE B 494 17.77 8.71 4.24
N GLU B 495 17.86 8.78 2.92
CA GLU B 495 18.11 10.04 2.22
C GLU B 495 16.91 10.97 2.29
N GLN B 496 15.81 10.49 2.85
CA GLN B 496 14.60 11.29 2.93
C GLN B 496 14.30 11.78 4.35
N ILE B 497 15.14 11.39 5.31
CA ILE B 497 14.91 11.78 6.69
C ILE B 497 15.47 13.18 6.98
N LYS B 498 14.73 13.97 7.75
CA LYS B 498 15.08 15.37 8.01
C LYS B 498 15.24 15.65 9.49
N PRO B 499 16.41 16.17 9.89
CA PRO B 499 16.68 16.56 11.29
C PRO B 499 15.93 17.83 11.66
N VAL B 500 15.85 18.14 12.95
CA VAL B 500 15.10 19.29 13.41
C VAL B 500 15.88 20.60 13.24
#